data_8C53
#
_entry.id   8C53
#
_cell.length_a   206.900
_cell.length_b   206.900
_cell.length_c   92.300
_cell.angle_alpha   90.00
_cell.angle_beta   90.00
_cell.angle_gamma   90.00
#
_symmetry.space_group_name_H-M   'P 4 21 2'
#
loop_
_entity.id
_entity.type
_entity.pdbx_description
1 polymer "Inosine-5'-monophosphate dehydrogenase"
2 non-polymer "GUANOSINE-5'-DIPHOSPHATE"
3 non-polymer "ADENOSINE-5'-TRIPHOSPHATE"
4 non-polymer 'PHOSPHATE ION'
5 water water
#
_entity_poly.entity_id   1
_entity_poly.type   'polypeptide(L)'
_entity_poly.pdbx_seq_one_letter_code
;MENTNLRTKTLRDGTTAEELFSQDGLSFNDFIILPGFIDFDSSKVNVSGQFTKNILLHLPLVSSPMDTVTESSMARAMAL
MGGIGVIHNNCTVEQQARMVRSVKLYRNGFIMKPKSVSPDVPVSTIRNIKSEKGISGILVTEGGKYDGKLLGIVCTKDID
FVKDASAPVSQYMTRRENMTVERYPIKLEEAMDVLNRSRHGYLPVLNDKDEVVCLCSRRDAVRARDYPNSSLDRNGHLLC
AAATSTREADKGRVAALSEAGIDVLVLDSSQGNTIYQVSFIRWVKKTYPHLEVVAGNVVTQDQAKNLIDAGADSLRIGMG
SGSICITQEVLACGRPQATAIYKVARYAASRGVPCVADGGLRNVGDVCKALAVGANVAMLGSMIAGTSETPGEYFFKDGM
RLKGYRGMGSIDAMLQGRESGKRYLSENETLQVAQGVAGAVLDKGSVLKLLAYIHKGLQQSAQDIGEVSFDAIREKVYEG
QVLFNRRSLTAQSEGAVHSLHHYERKLFASKL
;
_entity_poly.pdbx_strand_id   A,B
#
loop_
_chem_comp.id
_chem_comp.type
_chem_comp.name
_chem_comp.formula
ATP non-polymer ADENOSINE-5'-TRIPHOSPHATE 'C10 H16 N5 O13 P3'
GDP RNA linking GUANOSINE-5'-DIPHOSPHATE 'C10 H15 N5 O11 P2'
PO4 non-polymer 'PHOSPHATE ION' 'O4 P -3'
#
# COMPACT_ATOMS: atom_id res chain seq x y z
N ASN A 3 32.56 -12.00 -29.34
CA ASN A 3 31.57 -11.96 -30.40
C ASN A 3 31.61 -10.64 -31.15
N THR A 4 32.80 -10.07 -31.27
CA THR A 4 32.91 -8.76 -31.89
C THR A 4 32.56 -8.82 -33.36
N ASN A 5 32.92 -9.91 -34.04
CA ASN A 5 32.60 -10.04 -35.45
C ASN A 5 31.08 -10.03 -35.65
N LEU A 6 30.33 -10.55 -34.68
CA LEU A 6 28.88 -10.61 -34.83
C LEU A 6 28.20 -9.33 -34.40
N ARG A 7 28.76 -8.61 -33.43
CA ARG A 7 28.11 -7.41 -32.92
C ARG A 7 28.44 -6.18 -33.74
N THR A 8 29.66 -6.07 -34.25
CA THR A 8 30.05 -4.86 -34.96
C THR A 8 29.39 -4.85 -36.34
N LYS A 9 28.71 -3.74 -36.66
CA LYS A 9 28.02 -3.61 -37.92
C LYS A 9 29.00 -3.05 -38.95
N THR A 10 29.15 -3.74 -40.06
CA THR A 10 29.90 -3.26 -41.22
C THR A 10 28.98 -2.76 -42.32
N LEU A 11 27.90 -3.50 -42.60
CA LEU A 11 26.92 -3.02 -43.56
C LEU A 11 26.30 -1.70 -43.09
N ARG A 12 26.00 -1.60 -41.81
CA ARG A 12 25.42 -0.38 -41.23
C ARG A 12 24.15 0.04 -41.98
N ASP A 13 23.17 -0.87 -41.96
CA ASP A 13 21.88 -0.63 -42.59
C ASP A 13 21.00 0.12 -41.60
N GLY A 14 21.03 1.44 -41.68
CA GLY A 14 20.31 2.28 -40.75
C GLY A 14 20.82 3.70 -40.83
N THR A 15 20.23 4.54 -39.98
CA THR A 15 20.51 5.97 -39.97
C THR A 15 21.17 6.34 -38.65
N THR A 16 22.27 7.08 -38.74
CA THR A 16 22.95 7.50 -37.52
C THR A 16 22.16 8.64 -36.85
N ALA A 17 22.42 8.82 -35.56
CA ALA A 17 21.78 9.92 -34.84
C ALA A 17 22.07 11.25 -35.53
N GLU A 18 23.32 11.44 -35.97
CA GLU A 18 23.70 12.69 -36.59
C GLU A 18 22.86 12.97 -37.83
N GLU A 19 22.69 11.98 -38.70
CA GLU A 19 21.84 12.19 -39.86
C GLU A 19 20.39 12.40 -39.44
N LEU A 20 19.91 11.63 -38.46
CA LEU A 20 18.50 11.69 -38.09
C LEU A 20 18.11 13.07 -37.61
N PHE A 21 18.99 13.73 -36.87
CA PHE A 21 18.68 15.01 -36.24
C PHE A 21 19.17 16.21 -37.04
N SER A 22 19.57 16.01 -38.29
CA SER A 22 20.15 17.07 -39.12
C SER A 22 19.08 17.85 -39.87
N GLN A 23 17.81 17.54 -39.63
CA GLN A 23 16.67 18.11 -40.35
C GLN A 23 15.73 18.71 -39.31
N ASP A 24 14.47 18.88 -39.65
CA ASP A 24 13.49 19.46 -38.76
C ASP A 24 13.50 18.87 -37.35
N GLY A 25 12.99 19.64 -36.39
CA GLY A 25 12.98 19.21 -35.00
C GLY A 25 12.08 18.01 -34.79
N LEU A 26 12.58 17.01 -34.07
CA LEU A 26 11.91 15.72 -33.93
C LEU A 26 11.40 15.51 -32.50
N SER A 27 10.26 14.85 -32.40
CA SER A 27 9.77 14.28 -31.16
C SER A 27 10.15 12.80 -31.08
N PHE A 28 9.89 12.20 -29.92
CA PHE A 28 10.35 10.83 -29.70
C PHE A 28 9.62 9.84 -30.61
N ASN A 29 8.37 10.11 -30.95
CA ASN A 29 7.64 9.20 -31.82
C ASN A 29 8.09 9.27 -33.27
N ASP A 30 8.92 10.25 -33.62
CA ASP A 30 9.33 10.42 -35.01
C ASP A 30 10.35 9.39 -35.46
N PHE A 31 10.95 8.64 -34.55
CA PHE A 31 12.00 7.71 -34.92
C PHE A 31 11.96 6.48 -34.04
N ILE A 32 12.58 5.41 -34.53
CA ILE A 32 12.70 4.16 -33.79
C ILE A 32 14.17 3.74 -33.85
N ILE A 33 14.57 2.94 -32.87
CA ILE A 33 15.94 2.46 -32.76
C ILE A 33 16.02 1.05 -33.34
N LEU A 34 17.01 0.81 -34.18
CA LEU A 34 17.14 -0.48 -34.83
C LEU A 34 17.81 -1.47 -33.88
N PRO A 35 17.47 -2.76 -33.99
CA PRO A 35 18.07 -3.76 -33.13
C PRO A 35 19.50 -4.10 -33.54
N GLY A 36 20.25 -4.62 -32.58
CA GLY A 36 21.59 -5.06 -32.81
C GLY A 36 21.78 -6.55 -32.59
N PHE A 37 22.79 -6.91 -31.79
CA PHE A 37 23.15 -8.31 -31.54
C PHE A 37 23.09 -8.61 -30.05
N ILE A 38 22.55 -9.77 -29.70
CA ILE A 38 22.28 -10.13 -28.32
C ILE A 38 23.11 -11.35 -27.94
N ASP A 39 23.89 -11.21 -26.86
CA ASP A 39 24.61 -12.35 -26.29
C ASP A 39 24.60 -12.29 -24.77
N PHE A 40 23.53 -11.78 -24.20
CA PHE A 40 23.44 -11.64 -22.75
C PHE A 40 21.98 -11.58 -22.35
N ASP A 41 21.73 -11.88 -21.07
CA ASP A 41 20.39 -11.80 -20.51
C ASP A 41 20.11 -10.39 -20.03
N SER A 42 18.83 -9.99 -20.09
CA SER A 42 18.48 -8.62 -19.79
C SER A 42 18.80 -8.23 -18.36
N SER A 43 18.86 -9.20 -17.44
CA SER A 43 19.13 -8.88 -16.05
C SER A 43 20.52 -8.31 -15.85
N LYS A 44 21.43 -8.53 -16.80
CA LYS A 44 22.80 -8.09 -16.67
C LYS A 44 23.04 -6.67 -17.19
N VAL A 45 22.00 -5.97 -17.61
CA VAL A 45 22.17 -4.66 -18.22
C VAL A 45 22.32 -3.60 -17.15
N ASN A 46 23.33 -2.74 -17.31
CA ASN A 46 23.59 -1.61 -16.44
C ASN A 46 22.94 -0.37 -17.06
N VAL A 47 22.09 0.30 -16.29
CA VAL A 47 21.35 1.46 -16.78
C VAL A 47 21.84 2.76 -16.16
N SER A 48 22.90 2.72 -15.38
CA SER A 48 23.29 3.89 -14.61
C SER A 48 23.65 5.04 -15.54
N GLY A 49 23.49 6.26 -15.02
CA GLY A 49 23.91 7.45 -15.72
C GLY A 49 24.34 8.51 -14.73
N GLN A 50 25.07 9.49 -15.25
CA GLN A 50 25.60 10.57 -14.41
C GLN A 50 24.52 11.62 -14.23
N PHE A 51 24.05 11.80 -13.01
CA PHE A 51 23.20 12.95 -12.71
C PHE A 51 24.01 14.23 -12.85
N THR A 52 25.25 14.20 -12.37
CA THR A 52 26.15 15.33 -12.41
C THR A 52 27.54 14.80 -12.65
N LYS A 53 28.51 15.72 -12.72
CA LYS A 53 29.88 15.32 -13.00
C LYS A 53 30.35 14.24 -12.02
N ASN A 54 29.95 14.34 -10.74
CA ASN A 54 30.51 13.49 -9.71
C ASN A 54 29.53 12.48 -9.12
N ILE A 55 28.25 12.56 -9.43
CA ILE A 55 27.25 11.67 -8.87
C ILE A 55 26.75 10.73 -9.95
N LEU A 56 27.03 9.44 -9.78
CA LEU A 56 26.50 8.39 -10.64
C LEU A 56 25.26 7.78 -9.99
N LEU A 57 24.20 7.63 -10.77
CA LEU A 57 22.94 7.05 -10.29
C LEU A 57 22.79 5.65 -10.86
N HIS A 58 22.60 4.67 -9.97
CA HIS A 58 22.37 3.31 -10.43
C HIS A 58 21.11 3.24 -11.29
N LEU A 59 20.10 4.03 -10.93
CA LEU A 59 18.86 4.13 -11.69
C LEU A 59 18.81 5.52 -12.29
N PRO A 60 18.81 5.68 -13.60
CA PRO A 60 18.95 7.01 -14.21
C PRO A 60 17.65 7.83 -14.19
N LEU A 61 17.08 7.96 -13.01
CA LEU A 61 15.76 8.57 -12.87
C LEU A 61 15.78 9.58 -11.74
N VAL A 62 15.14 10.72 -11.99
CA VAL A 62 15.13 11.85 -11.08
C VAL A 62 13.69 12.34 -10.98
N SER A 63 13.21 12.51 -9.76
CA SER A 63 11.83 12.95 -9.58
C SER A 63 11.77 14.47 -9.72
N SER A 64 10.81 14.95 -10.50
CA SER A 64 10.78 16.37 -10.84
C SER A 64 10.46 17.21 -9.61
N PRO A 65 11.03 18.41 -9.52
CA PRO A 65 10.78 19.28 -8.36
C PRO A 65 9.50 20.10 -8.50
N MET A 66 8.39 19.41 -8.73
CA MET A 66 7.06 20.03 -8.69
C MET A 66 6.42 19.76 -7.34
N ASP A 67 5.66 20.73 -6.84
CA ASP A 67 5.05 20.58 -5.53
C ASP A 67 4.04 19.45 -5.48
N THR A 68 3.60 18.93 -6.63
CA THR A 68 2.69 17.79 -6.66
C THR A 68 3.41 16.46 -6.79
N VAL A 69 4.75 16.46 -6.82
CA VAL A 69 5.49 15.24 -7.10
C VAL A 69 6.47 14.89 -6.01
N THR A 70 7.39 15.82 -5.68
CA THR A 70 8.54 15.48 -4.85
C THR A 70 8.52 16.25 -3.53
N GLU A 71 8.37 15.50 -2.44
CA GLU A 71 8.64 15.97 -1.08
C GLU A 71 9.47 14.87 -0.41
N SER A 72 9.62 14.90 0.91
CA SER A 72 10.57 14.01 1.57
C SER A 72 10.32 12.55 1.20
N SER A 73 9.05 12.13 1.20
CA SER A 73 8.76 10.71 0.97
C SER A 73 9.18 10.28 -0.43
N MET A 74 8.84 11.09 -1.45
CA MET A 74 9.21 10.75 -2.81
C MET A 74 10.73 10.73 -2.99
N ALA A 75 11.43 11.73 -2.43
CA ALA A 75 12.88 11.75 -2.54
C ALA A 75 13.50 10.53 -1.89
N ARG A 76 12.98 10.13 -0.72
CA ARG A 76 13.46 8.92 -0.07
C ARG A 76 13.27 7.70 -0.99
N ALA A 77 12.07 7.56 -1.55
CA ALA A 77 11.80 6.41 -2.39
C ALA A 77 12.73 6.39 -3.60
N MET A 78 12.94 7.53 -4.23
CA MET A 78 13.83 7.59 -5.39
C MET A 78 15.25 7.20 -5.01
N ALA A 79 15.77 7.77 -3.93
CA ALA A 79 17.14 7.46 -3.54
C ALA A 79 17.29 5.98 -3.19
N LEU A 80 16.28 5.40 -2.52
CA LEU A 80 16.37 4.01 -2.10
C LEU A 80 16.50 3.07 -3.29
N MET A 81 15.81 3.37 -4.38
CA MET A 81 15.82 2.51 -5.56
C MET A 81 17.01 2.77 -6.46
N GLY A 82 17.87 3.73 -6.11
CA GLY A 82 19.04 4.03 -6.91
C GLY A 82 18.94 5.28 -7.74
N GLY A 83 17.85 6.02 -7.63
CA GLY A 83 17.68 7.30 -8.27
C GLY A 83 17.92 8.44 -7.32
N ILE A 84 17.15 9.52 -7.50
CA ILE A 84 17.26 10.70 -6.64
C ILE A 84 16.02 11.53 -6.85
N GLY A 85 15.71 12.36 -5.86
CA GLY A 85 14.58 13.26 -5.93
C GLY A 85 15.04 14.70 -5.69
N VAL A 86 14.29 15.64 -6.26
CA VAL A 86 14.58 17.07 -6.12
C VAL A 86 13.43 17.70 -5.37
N ILE A 87 13.69 18.14 -4.14
CA ILE A 87 12.64 18.73 -3.32
C ILE A 87 12.21 20.07 -3.93
N HIS A 88 10.91 20.24 -4.14
CA HIS A 88 10.41 21.44 -4.78
C HIS A 88 10.68 22.67 -3.91
N ASN A 89 10.61 23.84 -4.54
CA ASN A 89 10.87 25.10 -3.85
C ASN A 89 9.63 25.97 -3.71
N ASN A 90 8.43 25.42 -3.91
CA ASN A 90 7.19 26.15 -3.66
C ASN A 90 6.84 26.05 -2.18
N CYS A 91 7.71 26.62 -1.36
CA CYS A 91 7.65 26.50 0.08
C CYS A 91 8.71 27.42 0.66
N THR A 92 8.65 27.63 1.97
CA THR A 92 9.61 28.49 2.64
C THR A 92 10.95 27.78 2.79
N VAL A 93 11.97 28.57 3.15
CA VAL A 93 13.30 28.01 3.36
C VAL A 93 13.26 26.95 4.45
N GLU A 94 12.51 27.23 5.53
CA GLU A 94 12.49 26.31 6.67
C GLU A 94 11.83 24.98 6.30
N GLN A 95 10.70 25.02 5.58
CA GLN A 95 10.05 23.79 5.18
C GLN A 95 10.94 22.97 4.26
N GLN A 96 11.57 23.61 3.27
CA GLN A 96 12.43 22.89 2.33
C GLN A 96 13.61 22.26 3.06
N ALA A 97 14.22 23.02 3.98
CA ALA A 97 15.33 22.47 4.74
C ALA A 97 14.87 21.28 5.58
N ARG A 98 13.67 21.36 6.17
CA ARG A 98 13.17 20.25 6.96
C ARG A 98 12.96 19.01 6.11
N MET A 99 12.38 19.18 4.91
CA MET A 99 12.21 18.04 4.03
C MET A 99 13.56 17.42 3.67
N VAL A 100 14.55 18.27 3.38
CA VAL A 100 15.88 17.76 3.07
C VAL A 100 16.43 16.95 4.24
N ARG A 101 16.28 17.49 5.46
CA ARG A 101 16.74 16.76 6.64
C ARG A 101 16.03 15.42 6.77
N SER A 102 14.73 15.39 6.50
CA SER A 102 13.98 14.15 6.59
C SER A 102 14.55 13.12 5.62
N VAL A 103 14.94 13.55 4.43
CA VAL A 103 15.53 12.61 3.49
C VAL A 103 16.91 12.17 3.96
N LYS A 104 17.72 13.11 4.44
CA LYS A 104 19.14 12.81 4.71
C LYS A 104 19.31 11.93 5.96
N LEU A 105 18.47 12.14 6.97
CA LEU A 105 18.61 11.46 8.25
C LEU A 105 17.73 10.22 8.36
N TYR A 106 17.04 9.84 7.27
CA TYR A 106 16.26 8.61 7.30
C TYR A 106 17.16 7.38 7.43
N ARG A 107 18.20 7.32 6.61
CA ARG A 107 19.15 6.22 6.62
C ARG A 107 20.48 6.71 7.15
N ASN A 108 21.07 5.93 8.06
CA ASN A 108 22.34 6.30 8.67
C ASN A 108 23.15 5.05 8.93
N GLY A 109 24.42 5.27 9.28
CA GLY A 109 25.22 4.29 9.99
C GLY A 109 25.12 4.63 11.47
N PHE A 110 26.12 5.31 12.00
CA PHE A 110 25.99 5.91 13.32
C PHE A 110 25.00 7.08 13.25
N ILE A 111 23.92 6.99 14.02
CA ILE A 111 22.97 8.10 14.15
C ILE A 111 23.53 9.08 15.16
N MET A 112 23.84 10.30 14.72
CA MET A 112 24.65 11.21 15.53
C MET A 112 23.84 12.07 16.48
N LYS A 113 22.59 12.37 16.16
CA LYS A 113 21.74 13.19 17.02
C LYS A 113 20.47 12.40 17.30
N PRO A 114 20.57 11.28 18.02
CA PRO A 114 19.40 10.43 18.20
C PRO A 114 18.28 11.19 18.89
N LYS A 115 17.08 11.03 18.37
CA LYS A 115 15.92 11.60 19.03
C LYS A 115 15.87 11.09 20.46
N SER A 116 15.81 12.01 21.42
CA SER A 116 15.85 11.65 22.83
C SER A 116 14.90 12.53 23.62
N VAL A 117 14.41 11.99 24.73
CA VAL A 117 13.47 12.70 25.59
C VAL A 117 13.91 12.55 27.04
N SER A 118 13.36 13.41 27.89
CA SER A 118 13.57 13.33 29.33
C SER A 118 12.65 12.28 29.95
N PRO A 119 12.97 11.82 31.17
CA PRO A 119 12.22 10.70 31.74
C PRO A 119 10.74 10.98 32.01
N ASP A 120 10.35 12.23 32.19
CA ASP A 120 8.99 12.56 32.59
C ASP A 120 8.04 12.80 31.41
N VAL A 121 8.49 12.59 30.19
CA VAL A 121 7.67 12.88 29.02
C VAL A 121 6.54 11.86 28.93
N PRO A 122 5.34 12.24 28.54
CA PRO A 122 4.25 11.26 28.43
C PRO A 122 4.45 10.29 27.28
N VAL A 123 3.83 9.11 27.42
CA VAL A 123 3.83 8.13 26.35
C VAL A 123 3.20 8.71 25.09
N SER A 124 2.24 9.62 25.27
CA SER A 124 1.60 10.25 24.12
C SER A 124 2.64 10.88 23.22
N THR A 125 3.69 11.45 23.81
CA THR A 125 4.73 12.08 23.00
C THR A 125 5.46 11.05 22.15
N ILE A 126 5.76 9.88 22.70
CA ILE A 126 6.45 8.85 21.93
C ILE A 126 5.55 8.36 20.79
N ARG A 127 4.25 8.18 21.08
CA ARG A 127 3.33 7.77 20.01
C ARG A 127 3.27 8.83 18.92
N ASN A 128 3.25 10.10 19.30
CA ASN A 128 3.21 11.18 18.31
C ASN A 128 4.48 11.19 17.48
N ILE A 129 5.64 10.98 18.13
CA ILE A 129 6.89 10.92 17.39
C ILE A 129 6.83 9.81 16.35
N LYS A 130 6.39 8.62 16.76
CA LYS A 130 6.34 7.50 15.83
C LYS A 130 5.38 7.80 14.69
N SER A 131 4.21 8.35 14.99
CA SER A 131 3.21 8.57 13.95
C SER A 131 3.65 9.65 12.97
N GLU A 132 4.26 10.73 13.48
CA GLU A 132 4.60 11.86 12.61
C GLU A 132 5.90 11.61 11.86
N LYS A 133 6.99 11.35 12.58
CA LYS A 133 8.31 11.22 11.97
C LYS A 133 8.70 9.78 11.70
N GLY A 134 7.96 8.81 12.22
CA GLY A 134 8.16 7.42 11.86
C GLY A 134 9.37 6.74 12.47
N ILE A 135 9.89 7.26 13.59
CA ILE A 135 11.09 6.72 14.22
C ILE A 135 10.72 6.18 15.59
N SER A 136 11.18 4.95 15.88
CA SER A 136 11.05 4.32 17.18
C SER A 136 12.41 4.33 17.87
N GLY A 137 12.53 3.59 18.97
CA GLY A 137 13.79 3.49 19.68
C GLY A 137 14.22 4.83 20.26
N ILE A 138 13.29 5.51 20.92
CA ILE A 138 13.56 6.84 21.45
C ILE A 138 14.39 6.70 22.72
N LEU A 139 15.49 7.46 22.79
CA LEU A 139 16.35 7.42 23.95
C LEU A 139 15.81 8.33 25.05
N VAL A 140 15.84 7.85 26.29
CA VAL A 140 15.49 8.64 27.45
C VAL A 140 16.80 8.98 28.14
N THR A 141 17.06 10.29 28.28
CA THR A 141 18.35 10.79 28.73
C THR A 141 18.15 11.93 29.72
N GLU A 142 19.26 12.29 30.38
CA GLU A 142 19.23 13.40 31.32
C GLU A 142 18.83 14.69 30.62
N GLY A 143 17.72 15.28 31.08
CA GLY A 143 17.32 16.54 30.51
C GLY A 143 16.88 16.47 29.06
N GLY A 144 16.72 15.27 28.52
CA GLY A 144 16.30 15.14 27.15
C GLY A 144 17.34 15.50 26.12
N LYS A 145 18.57 15.78 26.54
CA LYS A 145 19.61 16.10 25.58
C LYS A 145 20.02 14.86 24.81
N TYR A 146 20.23 15.02 23.51
CA TYR A 146 20.67 13.89 22.69
C TYR A 146 22.07 13.42 23.04
N ASP A 147 22.83 14.22 23.79
CA ASP A 147 24.14 13.84 24.28
C ASP A 147 24.17 13.69 25.80
N GLY A 148 22.99 13.64 26.43
CA GLY A 148 22.92 13.50 27.87
C GLY A 148 23.15 12.08 28.35
N LYS A 149 23.18 11.93 29.68
CA LYS A 149 23.35 10.62 30.27
C LYS A 149 22.20 9.71 29.87
N LEU A 150 22.54 8.48 29.49
CA LEU A 150 21.55 7.53 28.99
C LEU A 150 20.81 6.89 30.16
N LEU A 151 19.49 7.06 30.19
CA LEU A 151 18.64 6.47 31.20
C LEU A 151 17.86 5.27 30.71
N GLY A 152 17.40 5.28 29.46
CA GLY A 152 16.67 4.13 28.96
C GLY A 152 16.32 4.29 27.50
N ILE A 153 15.46 3.39 27.03
CA ILE A 153 14.99 3.39 25.65
C ILE A 153 13.53 2.97 25.61
N VAL A 154 12.78 3.56 24.68
CA VAL A 154 11.37 3.26 24.47
C VAL A 154 11.19 2.78 23.03
N CYS A 155 10.60 1.60 22.88
CA CYS A 155 10.36 1.02 21.56
C CYS A 155 8.88 0.67 21.44
N THR A 156 8.53 0.07 20.30
CA THR A 156 7.12 -0.19 19.99
C THR A 156 6.46 -1.03 21.09
N LYS A 157 7.09 -2.15 21.44
CA LYS A 157 6.50 -3.09 22.39
C LYS A 157 6.54 -2.58 23.82
N ASP A 158 7.23 -1.47 24.07
CA ASP A 158 7.30 -0.94 25.42
C ASP A 158 6.05 -0.15 25.82
N ILE A 159 5.29 0.35 24.85
CA ILE A 159 4.15 1.22 25.12
C ILE A 159 2.89 0.82 24.37
N ASP A 160 2.95 -0.22 23.54
CA ASP A 160 1.78 -0.54 22.72
C ASP A 160 0.60 -1.01 23.55
N PHE A 161 0.81 -1.32 24.83
CA PHE A 161 -0.24 -1.84 25.69
C PHE A 161 -0.69 -0.87 26.76
N VAL A 162 -0.09 0.32 26.83
CA VAL A 162 -0.36 1.23 27.94
C VAL A 162 -1.64 2.00 27.65
N LYS A 163 -2.60 1.93 28.58
CA LYS A 163 -3.88 2.59 28.37
C LYS A 163 -3.83 4.06 28.78
N ASP A 164 -2.98 4.42 29.73
CA ASP A 164 -2.85 5.80 30.20
C ASP A 164 -1.71 6.45 29.44
N ALA A 165 -2.04 7.18 28.37
CA ALA A 165 -1.02 7.76 27.50
C ALA A 165 -0.27 8.91 28.17
N SER A 166 -0.74 9.41 29.30
CA SER A 166 -0.09 10.51 29.99
C SER A 166 1.00 10.05 30.95
N ALA A 167 1.17 8.75 31.14
CA ALA A 167 2.18 8.25 32.05
C ALA A 167 3.58 8.60 31.54
N PRO A 168 4.53 8.82 32.44
CA PRO A 168 5.90 9.09 32.00
C PRO A 168 6.54 7.89 31.34
N VAL A 169 7.46 8.16 30.41
CA VAL A 169 8.13 7.07 29.72
C VAL A 169 8.94 6.24 30.70
N SER A 170 9.44 6.86 31.76
CA SER A 170 10.24 6.14 32.74
C SER A 170 9.49 4.95 33.31
N GLN A 171 8.16 4.98 33.31
CA GLN A 171 7.38 3.87 33.85
C GLN A 171 7.55 2.61 33.01
N TYR A 172 7.70 2.77 31.70
CA TYR A 172 7.69 1.64 30.77
C TYR A 172 8.98 1.51 29.97
N MET A 173 9.86 2.51 30.00
CA MET A 173 11.10 2.40 29.25
C MET A 173 11.89 1.18 29.72
N THR A 174 12.71 0.64 28.83
CA THR A 174 13.72 -0.33 29.23
C THR A 174 14.87 0.45 29.87
N ARG A 175 15.21 0.13 31.10
CA ARG A 175 16.12 0.96 31.87
C ARG A 175 17.57 0.68 31.48
N ARG A 176 18.41 1.69 31.63
CA ARG A 176 19.77 1.61 31.12
C ARG A 176 20.50 0.41 31.71
N GLU A 177 20.26 0.10 32.99
CA GLU A 177 21.00 -0.97 33.63
C GLU A 177 20.76 -2.32 32.96
N ASN A 178 19.69 -2.45 32.18
CA ASN A 178 19.36 -3.70 31.50
C ASN A 178 19.65 -3.65 30.00
N MET A 179 20.23 -2.57 29.49
CA MET A 179 20.41 -2.41 28.06
C MET A 179 21.79 -2.88 27.61
N THR A 180 21.81 -3.56 26.46
CA THR A 180 23.03 -3.76 25.72
C THR A 180 23.45 -2.45 25.06
N VAL A 181 24.68 -2.00 25.32
CA VAL A 181 25.22 -0.78 24.75
C VAL A 181 26.67 -1.03 24.38
N GLU A 182 27.31 -0.02 23.77
CA GLU A 182 28.72 -0.07 23.42
C GLU A 182 29.36 1.25 23.80
N ARG A 183 30.68 1.23 23.98
CA ARG A 183 31.43 2.40 24.41
C ARG A 183 32.26 2.94 23.26
N TYR A 184 32.23 4.26 23.11
CA TYR A 184 33.05 4.91 22.08
C TYR A 184 34.53 4.70 22.40
N PRO A 185 35.36 4.44 21.38
CA PRO A 185 35.03 4.31 19.97
C PRO A 185 34.81 2.87 19.54
N ILE A 186 34.09 2.70 18.42
CA ILE A 186 33.79 1.40 17.87
C ILE A 186 33.61 1.57 16.37
N LYS A 187 34.05 0.58 15.61
CA LYS A 187 33.84 0.57 14.17
C LYS A 187 32.40 0.17 13.87
N LEU A 188 31.83 0.79 12.83
CA LEU A 188 30.43 0.56 12.52
C LEU A 188 30.17 -0.93 12.24
N GLU A 189 31.09 -1.59 11.54
CA GLU A 189 30.91 -3.01 11.26
C GLU A 189 30.77 -3.80 12.56
N GLU A 190 31.66 -3.55 13.52
CA GLU A 190 31.60 -4.27 14.79
C GLU A 190 30.31 -3.96 15.54
N ALA A 191 29.93 -2.67 15.58
CA ALA A 191 28.72 -2.30 16.29
C ALA A 191 27.49 -2.98 15.69
N MET A 192 27.40 -3.00 14.37
CA MET A 192 26.24 -3.62 13.73
C MET A 192 26.24 -5.13 13.89
N ASP A 193 27.41 -5.77 13.90
CA ASP A 193 27.44 -7.20 14.20
C ASP A 193 26.97 -7.46 15.63
N VAL A 194 27.37 -6.60 16.56
CA VAL A 194 26.90 -6.72 17.95
C VAL A 194 25.39 -6.58 18.00
N LEU A 195 24.86 -5.60 17.26
CA LEU A 195 23.41 -5.42 17.18
C LEU A 195 22.71 -6.67 16.65
N ASN A 196 23.21 -7.22 15.55
CA ASN A 196 22.61 -8.42 14.99
C ASN A 196 22.61 -9.55 16.03
N ARG A 197 23.75 -9.79 16.66
CA ARG A 197 23.82 -10.88 17.63
C ARG A 197 22.90 -10.64 18.82
N SER A 198 22.70 -9.37 19.20
CA SER A 198 21.91 -9.07 20.40
C SER A 198 20.42 -9.27 20.21
N ARG A 199 19.95 -9.40 18.98
CA ARG A 199 18.54 -9.59 18.65
C ARG A 199 17.68 -8.38 19.03
N HIS A 200 18.29 -7.25 19.33
CA HIS A 200 17.57 -6.03 19.66
C HIS A 200 17.54 -5.09 18.46
N GLY A 201 16.71 -4.06 18.58
CA GLY A 201 16.54 -3.11 17.51
C GLY A 201 17.47 -1.94 17.51
N TYR A 202 18.17 -1.69 18.63
CA TYR A 202 19.00 -0.49 18.72
C TYR A 202 20.20 -0.76 19.61
N LEU A 203 21.26 0.01 19.38
CA LEU A 203 22.51 -0.11 20.12
C LEU A 203 23.10 1.28 20.30
N PRO A 204 22.91 1.90 21.46
CA PRO A 204 23.57 3.18 21.72
C PRO A 204 25.07 2.99 21.91
N VAL A 205 25.81 4.05 21.60
CA VAL A 205 27.25 4.13 21.81
C VAL A 205 27.49 5.31 22.73
N LEU A 206 28.14 5.06 23.86
CA LEU A 206 28.28 6.02 24.94
C LEU A 206 29.75 6.29 25.25
N ASN A 207 29.97 7.41 25.93
CA ASN A 207 31.29 7.79 26.41
C ASN A 207 31.53 7.16 27.78
N ASP A 208 32.64 7.54 28.43
CA ASP A 208 32.95 7.01 29.75
C ASP A 208 32.03 7.56 30.82
N LYS A 209 31.32 8.65 30.55
CA LYS A 209 30.35 9.21 31.48
C LYS A 209 28.94 8.67 31.22
N ASP A 210 28.79 7.65 30.39
CA ASP A 210 27.50 7.09 30.01
C ASP A 210 26.63 8.06 29.22
N GLU A 211 27.22 9.17 28.74
CA GLU A 211 26.48 10.09 27.88
C GLU A 211 26.40 9.52 26.47
N VAL A 212 25.37 9.94 25.75
CA VAL A 212 25.08 9.36 24.43
C VAL A 212 26.01 9.99 23.40
N VAL A 213 26.81 9.15 22.75
CA VAL A 213 27.62 9.59 21.62
C VAL A 213 26.85 9.43 20.33
N CYS A 214 26.30 8.24 20.09
CA CYS A 214 25.54 8.00 18.87
C CYS A 214 24.70 6.74 19.04
N LEU A 215 24.07 6.31 17.95
CA LEU A 215 23.10 5.22 18.00
C LEU A 215 23.10 4.45 16.70
N CYS A 216 23.05 3.13 16.80
CA CYS A 216 22.90 2.26 15.64
C CYS A 216 21.50 1.62 15.66
N SER A 217 20.88 1.56 14.48
CA SER A 217 19.53 1.06 14.32
C SER A 217 19.54 -0.15 13.41
N ARG A 218 18.90 -1.24 13.86
CA ARG A 218 18.80 -2.42 13.02
C ARG A 218 18.02 -2.13 11.75
N ARG A 219 17.10 -1.17 11.81
CA ARG A 219 16.33 -0.82 10.62
C ARG A 219 17.24 -0.36 9.49
N ASP A 220 18.37 0.28 9.81
CA ASP A 220 19.30 0.68 8.77
C ASP A 220 19.90 -0.54 8.08
N ALA A 221 20.27 -1.57 8.85
CA ALA A 221 20.79 -2.77 8.24
C ALA A 221 19.75 -3.46 7.37
N VAL A 222 18.50 -3.50 7.84
CA VAL A 222 17.45 -4.14 7.05
C VAL A 222 17.20 -3.34 5.78
N ARG A 223 17.22 -2.00 5.86
CA ARG A 223 17.07 -1.18 4.67
C ARG A 223 18.19 -1.44 3.68
N ALA A 224 19.44 -1.53 4.19
CA ALA A 224 20.55 -1.83 3.32
C ALA A 224 20.36 -3.18 2.61
N ARG A 225 19.82 -4.16 3.32
CA ARG A 225 19.61 -5.46 2.70
C ARG A 225 18.49 -5.40 1.66
N ASP A 226 17.37 -4.75 1.98
CA ASP A 226 16.24 -4.71 1.08
C ASP A 226 16.42 -3.72 -0.07
N TYR A 227 17.33 -2.77 0.05
CA TYR A 227 17.57 -1.74 -0.95
C TYR A 227 19.07 -1.66 -1.18
N PRO A 228 19.64 -2.68 -1.82
CA PRO A 228 21.11 -2.71 -1.97
C PRO A 228 21.65 -1.67 -2.92
N ASN A 229 20.82 -1.07 -3.77
CA ASN A 229 21.29 -0.13 -4.77
C ASN A 229 21.00 1.33 -4.38
N SER A 230 20.62 1.56 -3.14
CA SER A 230 20.27 2.91 -2.72
C SER A 230 21.37 3.90 -3.08
N SER A 231 20.96 5.11 -3.44
CA SER A 231 21.90 6.19 -3.71
C SER A 231 22.37 6.75 -2.38
N LEU A 232 23.67 6.62 -2.09
CA LEU A 232 24.22 6.98 -0.81
C LEU A 232 25.40 7.93 -0.97
N ASP A 233 25.58 8.81 0.02
CA ASP A 233 26.74 9.68 0.09
C ASP A 233 27.84 8.98 0.89
N ARG A 234 28.90 9.71 1.23
CA ARG A 234 30.04 9.08 1.88
C ARG A 234 29.71 8.55 3.27
N ASN A 235 28.77 9.19 3.97
CA ASN A 235 28.45 8.85 5.35
C ASN A 235 27.32 7.83 5.45
N GLY A 236 26.84 7.31 4.33
CA GLY A 236 25.76 6.35 4.35
C GLY A 236 24.37 6.94 4.37
N HIS A 237 24.24 8.26 4.23
CA HIS A 237 22.93 8.89 4.08
C HIS A 237 22.46 8.80 2.63
N LEU A 238 21.15 8.89 2.44
CA LEU A 238 20.60 8.96 1.10
C LEU A 238 20.97 10.28 0.45
N LEU A 239 21.21 10.25 -0.86
CA LEU A 239 21.43 11.49 -1.60
C LEU A 239 20.13 12.27 -1.68
N CYS A 240 20.25 13.60 -1.65
CA CYS A 240 19.10 14.46 -1.80
C CYS A 240 19.46 15.69 -2.63
N ALA A 241 18.51 16.12 -3.45
CA ALA A 241 18.67 17.32 -4.26
C ALA A 241 17.54 18.29 -3.94
N ALA A 242 17.79 19.56 -4.22
CA ALA A 242 16.78 20.58 -3.95
C ALA A 242 16.82 21.62 -5.06
N ALA A 243 15.67 22.21 -5.31
CA ALA A 243 15.52 23.23 -6.34
C ALA A 243 15.54 24.62 -5.74
N THR A 244 15.99 25.58 -6.54
CA THR A 244 15.93 26.98 -6.14
C THR A 244 15.95 27.84 -7.39
N SER A 245 15.33 29.01 -7.31
CA SER A 245 15.45 30.04 -8.33
C SER A 245 16.81 30.71 -8.19
N THR A 246 17.11 31.65 -9.10
CA THR A 246 18.41 32.30 -9.16
C THR A 246 18.35 33.76 -8.72
N ARG A 247 17.29 34.16 -8.02
CA ARG A 247 17.22 35.50 -7.48
C ARG A 247 18.21 35.67 -6.31
N GLU A 248 18.46 36.93 -5.97
CA GLU A 248 19.36 37.22 -4.85
C GLU A 248 18.81 36.67 -3.54
N ALA A 249 17.50 36.76 -3.34
CA ALA A 249 16.90 36.19 -2.13
C ALA A 249 17.29 34.72 -1.98
N ASP A 250 17.24 33.97 -3.08
CA ASP A 250 17.45 32.53 -3.00
C ASP A 250 18.81 32.17 -2.45
N LYS A 251 19.74 33.11 -2.43
CA LYS A 251 21.04 32.83 -1.82
C LYS A 251 20.85 32.31 -0.40
N GLY A 252 20.04 33.00 0.39
CA GLY A 252 19.75 32.50 1.72
C GLY A 252 19.25 31.07 1.68
N ARG A 253 18.27 30.81 0.81
CA ARG A 253 17.77 29.44 0.67
C ARG A 253 18.91 28.46 0.46
N VAL A 254 19.82 28.76 -0.48
CA VAL A 254 20.90 27.82 -0.75
C VAL A 254 21.67 27.53 0.53
N ALA A 255 22.00 28.58 1.28
CA ALA A 255 22.74 28.37 2.52
C ALA A 255 21.99 27.37 3.40
N ALA A 256 20.70 27.62 3.62
CA ALA A 256 19.92 26.70 4.44
C ALA A 256 20.01 25.29 3.89
N LEU A 257 19.81 25.15 2.58
CA LEU A 257 19.85 23.81 1.99
C LEU A 257 21.21 23.17 2.22
N SER A 258 22.28 23.95 2.06
CA SER A 258 23.61 23.40 2.30
C SER A 258 23.74 22.89 3.72
N GLU A 259 23.20 23.64 4.68
CA GLU A 259 23.22 23.17 6.07
C GLU A 259 22.39 21.92 6.23
N ALA A 260 21.26 21.84 5.54
CA ALA A 260 20.43 20.64 5.60
C ALA A 260 21.09 19.43 4.96
N GLY A 261 22.17 19.61 4.21
CA GLY A 261 22.93 18.51 3.69
C GLY A 261 22.62 18.07 2.28
N ILE A 262 22.12 18.97 1.42
CA ILE A 262 21.86 18.59 0.05
C ILE A 262 23.16 18.22 -0.64
N ASP A 263 23.08 17.27 -1.57
CA ASP A 263 24.22 16.90 -2.40
C ASP A 263 24.22 17.60 -3.75
N VAL A 264 23.06 18.05 -4.21
CA VAL A 264 22.94 18.67 -5.52
C VAL A 264 21.93 19.80 -5.45
N LEU A 265 22.29 20.96 -5.96
CA LEU A 265 21.38 22.08 -6.13
C LEU A 265 20.91 22.11 -7.56
N VAL A 266 19.61 22.35 -7.75
CA VAL A 266 18.97 22.33 -9.06
C VAL A 266 18.35 23.69 -9.31
N LEU A 267 18.79 24.36 -10.36
CA LEU A 267 18.28 25.69 -10.67
C LEU A 267 16.95 25.60 -11.39
N ASP A 268 16.02 26.48 -11.04
CA ASP A 268 14.64 26.43 -11.47
C ASP A 268 14.36 27.63 -12.38
N SER A 269 14.23 27.37 -13.67
CA SER A 269 13.98 28.43 -14.64
C SER A 269 13.49 27.79 -15.93
N SER A 270 12.51 28.42 -16.55
CA SER A 270 12.06 27.97 -17.86
C SER A 270 13.11 28.28 -18.94
N GLN A 271 13.90 29.34 -18.76
CA GLN A 271 14.92 29.77 -19.72
C GLN A 271 16.14 30.16 -18.91
N GLY A 272 17.05 29.23 -18.75
CA GLY A 272 18.17 29.40 -17.85
C GLY A 272 19.39 30.11 -18.40
N ASN A 273 19.35 30.54 -19.65
CA ASN A 273 20.49 31.25 -20.25
C ASN A 273 20.35 32.74 -19.95
N THR A 274 20.58 33.08 -18.69
CA THR A 274 20.40 34.44 -18.20
C THR A 274 21.63 34.89 -17.44
N ILE A 275 21.82 36.21 -17.38
CA ILE A 275 22.93 36.75 -16.59
C ILE A 275 22.72 36.43 -15.13
N TYR A 276 21.47 36.43 -14.68
CA TYR A 276 21.19 36.11 -13.29
C TYR A 276 21.62 34.70 -12.96
N GLN A 277 21.33 33.75 -13.84
CA GLN A 277 21.71 32.36 -13.56
C GLN A 277 23.21 32.17 -13.67
N VAL A 278 23.86 32.83 -14.62
CA VAL A 278 25.31 32.73 -14.74
C VAL A 278 25.98 33.23 -13.47
N SER A 279 25.57 34.40 -12.99
CA SER A 279 26.10 34.93 -11.75
C SER A 279 25.81 33.99 -10.58
N PHE A 280 24.59 33.45 -10.54
CA PHE A 280 24.24 32.55 -9.44
C PHE A 280 25.12 31.31 -9.44
N ILE A 281 25.36 30.72 -10.61
CA ILE A 281 26.21 29.54 -10.68
C ILE A 281 27.61 29.89 -10.23
N ARG A 282 28.14 31.02 -10.70
N ARG A 282 28.14 31.02 -10.71
CA ARG A 282 29.48 31.43 -10.27
CA ARG A 282 29.46 31.46 -10.28
C ARG A 282 29.52 31.59 -8.76
C ARG A 282 29.52 31.59 -8.77
N TRP A 283 28.51 32.24 -8.18
CA TRP A 283 28.49 32.47 -6.74
C TRP A 283 28.40 31.16 -5.97
N VAL A 284 27.55 30.23 -6.40
CA VAL A 284 27.42 28.97 -5.69
C VAL A 284 28.72 28.19 -5.75
N LYS A 285 29.32 28.09 -6.94
CA LYS A 285 30.55 27.33 -7.05
C LYS A 285 31.66 27.98 -6.24
N LYS A 286 31.65 29.30 -6.11
CA LYS A 286 32.65 29.95 -5.27
C LYS A 286 32.39 29.66 -3.79
N THR A 287 31.13 29.76 -3.35
CA THR A 287 30.81 29.75 -1.93
C THR A 287 30.64 28.34 -1.36
N TYR A 288 30.10 27.41 -2.14
CA TYR A 288 29.82 26.05 -1.66
C TYR A 288 30.46 25.06 -2.61
N PRO A 289 31.79 25.00 -2.63
CA PRO A 289 32.47 24.15 -3.62
C PRO A 289 32.08 22.68 -3.54
N HIS A 290 31.72 22.19 -2.35
CA HIS A 290 31.29 20.80 -2.25
C HIS A 290 29.97 20.57 -2.99
N LEU A 291 29.21 21.62 -3.26
CA LEU A 291 27.91 21.51 -3.89
C LEU A 291 28.06 21.40 -5.40
N GLU A 292 27.28 20.50 -6.00
CA GLU A 292 27.15 20.40 -7.44
C GLU A 292 25.87 21.08 -7.89
N VAL A 293 25.93 21.73 -9.05
CA VAL A 293 24.82 22.52 -9.55
C VAL A 293 24.32 21.92 -10.87
N VAL A 294 23.01 21.74 -10.95
CA VAL A 294 22.34 21.38 -12.20
C VAL A 294 21.72 22.66 -12.74
N ALA A 295 22.20 23.14 -13.89
CA ALA A 295 21.72 24.37 -14.49
C ALA A 295 20.68 24.07 -15.57
N GLY A 296 19.97 25.10 -15.98
CA GLY A 296 18.93 24.99 -16.98
C GLY A 296 17.70 25.80 -16.55
N ASN A 297 16.61 25.64 -17.30
CA ASN A 297 16.54 24.75 -18.45
C ASN A 297 17.09 25.36 -19.72
N VAL A 298 17.63 24.51 -20.60
CA VAL A 298 18.12 24.94 -21.90
C VAL A 298 17.64 23.97 -22.96
N VAL A 299 17.68 24.42 -24.21
CA VAL A 299 17.35 23.55 -25.34
C VAL A 299 18.33 23.70 -26.49
N THR A 300 19.27 24.65 -26.39
CA THR A 300 20.24 24.84 -27.47
C THR A 300 21.67 24.79 -26.94
N GLN A 301 22.60 24.53 -27.87
CA GLN A 301 24.01 24.45 -27.50
C GLN A 301 24.56 25.81 -27.06
N ASP A 302 24.05 26.92 -27.59
CA ASP A 302 24.55 28.21 -27.17
C ASP A 302 24.26 28.48 -25.70
N GLN A 303 23.01 28.20 -25.28
CA GLN A 303 22.67 28.29 -23.86
C GLN A 303 23.58 27.39 -23.04
N ALA A 304 23.76 26.16 -23.51
CA ALA A 304 24.58 25.20 -22.78
C ALA A 304 25.99 25.74 -22.61
N LYS A 305 26.55 26.33 -23.65
CA LYS A 305 27.89 26.90 -23.55
C LYS A 305 27.95 27.94 -22.44
N ASN A 306 27.00 28.86 -22.42
CA ASN A 306 27.08 29.90 -21.40
C ASN A 306 27.04 29.28 -20.01
N LEU A 307 26.13 28.33 -19.79
CA LEU A 307 25.94 27.79 -18.44
C LEU A 307 27.08 26.86 -18.04
N ILE A 308 27.66 26.13 -18.98
CA ILE A 308 28.82 25.31 -18.65
C ILE A 308 30.04 26.19 -18.38
N ASP A 309 30.20 27.27 -19.14
CA ASP A 309 31.26 28.23 -18.86
C ASP A 309 31.14 28.78 -17.45
N ALA A 310 29.91 29.08 -17.03
CA ALA A 310 29.71 29.59 -15.67
C ALA A 310 30.13 28.57 -14.61
N GLY A 311 30.15 27.28 -14.95
CA GLY A 311 30.59 26.26 -14.01
C GLY A 311 29.57 25.18 -13.68
N ALA A 312 28.52 25.04 -14.50
CA ALA A 312 27.49 24.06 -14.23
C ALA A 312 28.06 22.65 -14.23
N ASP A 313 27.55 21.81 -13.33
CA ASP A 313 27.95 20.40 -13.24
C ASP A 313 27.00 19.48 -14.00
N SER A 314 25.92 20.01 -14.55
CA SER A 314 24.93 19.22 -15.29
C SER A 314 23.92 20.20 -15.84
N LEU A 315 23.17 19.77 -16.84
CA LEU A 315 22.17 20.61 -17.48
C LEU A 315 20.83 19.90 -17.55
N ARG A 316 19.77 20.62 -17.22
CA ARG A 316 18.41 20.15 -17.43
C ARG A 316 17.96 20.62 -18.81
N ILE A 317 17.52 19.67 -19.65
CA ILE A 317 17.14 19.95 -21.02
C ILE A 317 15.63 19.89 -21.15
N GLY A 318 15.04 20.96 -21.70
CA GLY A 318 13.62 20.97 -22.00
C GLY A 318 12.99 22.34 -21.93
N MET A 319 12.20 22.67 -22.94
CA MET A 319 11.44 23.91 -22.96
C MET A 319 10.31 23.71 -23.97
N GLY A 320 9.08 23.64 -23.47
CA GLY A 320 7.92 23.34 -24.29
C GLY A 320 7.39 21.93 -24.14
N SER A 321 8.00 21.11 -23.27
CA SER A 321 7.60 19.72 -23.13
C SER A 321 6.77 19.45 -21.87
N VAL A 330 0.08 31.84 -27.22
CA VAL A 330 0.85 30.90 -26.41
C VAL A 330 2.28 31.40 -26.25
N LEU A 331 3.21 30.46 -26.06
CA LEU A 331 4.63 30.76 -26.00
C LEU A 331 5.27 30.29 -27.30
N ALA A 332 5.87 31.22 -28.03
CA ALA A 332 6.43 30.97 -29.34
C ALA A 332 7.88 30.52 -29.28
N CYS A 333 8.40 30.19 -28.10
CA CYS A 333 9.82 29.90 -27.93
C CYS A 333 9.99 28.57 -27.21
N GLY A 334 10.81 27.71 -27.80
CA GLY A 334 11.01 26.37 -27.27
C GLY A 334 11.71 25.50 -28.30
N ARG A 335 11.57 24.19 -28.16
CA ARG A 335 12.19 23.28 -29.11
C ARG A 335 11.72 21.84 -28.97
N PRO A 336 11.53 21.12 -30.07
CA PRO A 336 11.18 19.69 -29.96
C PRO A 336 12.20 18.94 -29.11
N GLN A 337 11.68 18.07 -28.24
CA GLN A 337 12.49 17.62 -27.11
C GLN A 337 13.55 16.62 -27.53
N ALA A 338 13.27 15.76 -28.51
CA ALA A 338 14.30 14.78 -28.90
C ALA A 338 15.49 15.48 -29.55
N THR A 339 15.22 16.44 -30.44
CA THR A 339 16.30 17.21 -31.04
C THR A 339 17.06 17.97 -29.96
N ALA A 340 16.34 18.62 -29.04
CA ALA A 340 17.00 19.39 -28.01
C ALA A 340 17.93 18.50 -27.20
N ILE A 341 17.43 17.32 -26.81
CA ILE A 341 18.25 16.41 -26.02
C ILE A 341 19.49 16.00 -26.80
N TYR A 342 19.32 15.60 -28.08
CA TYR A 342 20.48 15.14 -28.81
C TYR A 342 21.53 16.24 -28.91
N LYS A 343 21.12 17.43 -29.35
CA LYS A 343 22.07 18.51 -29.59
C LYS A 343 22.77 18.93 -28.30
N VAL A 344 21.99 19.25 -27.27
CA VAL A 344 22.60 19.75 -26.05
C VAL A 344 23.46 18.68 -25.41
N ALA A 345 22.97 17.45 -25.35
CA ALA A 345 23.73 16.39 -24.73
C ALA A 345 25.04 16.14 -25.46
N ARG A 346 25.02 16.17 -26.80
CA ARG A 346 26.26 15.97 -27.55
C ARG A 346 27.28 17.05 -27.21
N TYR A 347 26.87 18.31 -27.24
CA TYR A 347 27.80 19.38 -26.88
C TYR A 347 28.31 19.21 -25.44
N ALA A 348 27.40 19.08 -24.49
CA ALA A 348 27.80 19.02 -23.09
C ALA A 348 28.76 17.85 -22.86
N ALA A 349 28.44 16.68 -23.44
CA ALA A 349 29.33 15.53 -23.30
C ALA A 349 30.69 15.84 -23.87
N SER A 350 30.74 16.53 -25.02
CA SER A 350 32.03 16.93 -25.56
C SER A 350 32.79 17.78 -24.55
N ARG A 351 32.09 18.48 -23.67
CA ARG A 351 32.75 19.23 -22.61
C ARG A 351 32.74 18.52 -21.25
N GLY A 352 32.37 17.24 -21.21
CA GLY A 352 32.45 16.48 -19.98
C GLY A 352 31.32 16.65 -19.00
N VAL A 353 30.16 17.15 -19.43
CA VAL A 353 29.06 17.50 -18.55
C VAL A 353 27.87 16.62 -18.92
N PRO A 354 27.24 15.94 -17.96
CA PRO A 354 26.05 15.14 -18.26
C PRO A 354 24.77 15.98 -18.25
N CYS A 355 23.73 15.40 -18.83
CA CYS A 355 22.48 16.13 -19.04
C CYS A 355 21.28 15.31 -18.57
N VAL A 356 20.24 16.03 -18.16
CA VAL A 356 19.02 15.45 -17.62
C VAL A 356 17.88 15.78 -18.56
N ALA A 357 17.16 14.75 -19.01
CA ALA A 357 16.01 14.95 -19.88
C ALA A 357 14.80 15.31 -19.04
N ASP A 358 14.28 16.51 -19.22
CA ASP A 358 13.21 17.05 -18.40
C ASP A 358 12.04 17.47 -19.27
N GLY A 359 11.08 16.57 -19.44
CA GLY A 359 9.86 16.94 -20.13
C GLY A 359 9.44 15.95 -21.20
N GLY A 360 8.14 15.75 -21.35
CA GLY A 360 7.63 14.95 -22.44
C GLY A 360 7.91 13.47 -22.33
N LEU A 361 8.38 13.01 -21.18
CA LEU A 361 8.66 11.59 -20.97
C LEU A 361 7.40 10.98 -20.40
N ARG A 362 6.66 10.26 -21.23
CA ARG A 362 5.34 9.77 -20.89
C ARG A 362 5.22 8.25 -20.91
N ASN A 363 6.26 7.52 -21.32
CA ASN A 363 6.25 6.06 -21.26
C ASN A 363 7.70 5.59 -21.26
N VAL A 364 7.87 4.27 -21.10
CA VAL A 364 9.21 3.71 -20.97
C VAL A 364 9.98 3.83 -22.27
N GLY A 365 9.30 3.68 -23.41
CA GLY A 365 9.97 3.85 -24.69
C GLY A 365 10.57 5.23 -24.84
N ASP A 366 9.83 6.26 -24.42
CA ASP A 366 10.34 7.63 -24.49
C ASP A 366 11.56 7.80 -23.60
N VAL A 367 11.54 7.24 -22.40
CA VAL A 367 12.69 7.35 -21.52
C VAL A 367 13.90 6.66 -22.15
N CYS A 368 13.68 5.50 -22.73
CA CYS A 368 14.77 4.76 -23.36
C CYS A 368 15.37 5.57 -24.51
N LYS A 369 14.52 6.16 -25.35
CA LYS A 369 15.01 6.95 -26.46
C LYS A 369 15.76 8.17 -25.96
N ALA A 370 15.24 8.84 -24.96
CA ALA A 370 15.89 10.03 -24.44
C ALA A 370 17.28 9.69 -23.89
N LEU A 371 17.38 8.59 -23.16
CA LEU A 371 18.69 8.19 -22.65
C LEU A 371 19.62 7.79 -23.81
N ALA A 372 19.08 7.11 -24.82
CA ALA A 372 19.94 6.62 -25.89
C ALA A 372 20.51 7.76 -26.72
N VAL A 373 19.73 8.82 -26.96
CA VAL A 373 20.20 9.89 -27.82
C VAL A 373 21.04 10.92 -27.08
N GLY A 374 21.33 10.71 -25.79
CA GLY A 374 22.37 11.50 -25.14
C GLY A 374 22.15 11.86 -23.70
N ALA A 375 20.91 11.84 -23.24
CA ALA A 375 20.66 12.15 -21.83
C ALA A 375 21.29 11.08 -20.94
N ASN A 376 21.89 11.51 -19.84
CA ASN A 376 22.45 10.55 -18.90
C ASN A 376 21.38 10.03 -17.94
N VAL A 377 20.48 10.90 -17.49
CA VAL A 377 19.38 10.54 -16.63
C VAL A 377 18.13 11.25 -17.13
N ALA A 378 16.99 10.78 -16.64
CA ALA A 378 15.68 11.29 -17.06
C ALA A 378 14.93 11.80 -15.84
N MET A 379 14.22 12.90 -16.03
CA MET A 379 13.37 13.47 -14.99
C MET A 379 11.94 13.02 -15.21
N LEU A 380 11.30 12.53 -14.14
CA LEU A 380 9.95 12.00 -14.19
C LEU A 380 9.00 12.93 -13.46
N GLY A 381 7.99 13.42 -14.18
CA GLY A 381 6.94 14.22 -13.62
C GLY A 381 5.62 13.50 -13.71
N SER A 382 4.86 13.81 -14.77
CA SER A 382 3.56 13.18 -14.97
C SER A 382 3.63 11.66 -14.81
N MET A 383 4.72 11.05 -15.26
CA MET A 383 4.82 9.60 -15.25
C MET A 383 4.71 9.02 -13.84
N ILE A 384 5.08 9.79 -12.82
CA ILE A 384 5.03 9.32 -11.44
C ILE A 384 4.01 10.07 -10.61
N ALA A 385 3.27 11.01 -11.21
CA ALA A 385 2.24 11.72 -10.48
C ALA A 385 1.11 10.77 -10.12
N GLY A 386 0.61 10.87 -8.88
CA GLY A 386 -0.42 9.99 -8.41
C GLY A 386 0.07 8.76 -7.67
N THR A 387 1.38 8.53 -7.62
CA THR A 387 1.91 7.45 -6.81
C THR A 387 1.77 7.78 -5.33
N SER A 388 1.79 6.75 -4.51
CA SER A 388 1.52 6.92 -3.08
C SER A 388 2.47 7.90 -2.44
N GLU A 389 3.72 7.96 -2.93
CA GLU A 389 4.75 8.76 -2.28
C GLU A 389 4.69 10.24 -2.64
N THR A 390 3.82 10.64 -3.58
CA THR A 390 3.68 12.06 -3.88
C THR A 390 2.89 12.76 -2.79
N PRO A 391 3.06 14.06 -2.66
CA PRO A 391 2.22 14.83 -1.72
C PRO A 391 0.76 14.82 -2.17
N GLY A 392 -0.11 15.12 -1.21
CA GLY A 392 -1.53 15.26 -1.47
C GLY A 392 -2.34 14.16 -0.80
N GLU A 393 -3.64 14.42 -0.69
CA GLU A 393 -4.56 13.51 -0.03
C GLU A 393 -5.34 12.71 -1.07
N TYR A 394 -5.59 11.44 -0.76
CA TYR A 394 -6.41 10.60 -1.60
C TYR A 394 -7.89 10.88 -1.36
N PHE A 395 -8.69 10.65 -2.39
CA PHE A 395 -10.14 10.72 -2.24
C PHE A 395 -10.80 9.79 -3.27
N PHE A 396 -11.98 9.31 -2.92
CA PHE A 396 -12.79 8.48 -3.81
C PHE A 396 -13.79 9.39 -4.52
N LYS A 397 -13.88 9.26 -5.83
CA LYS A 397 -14.78 10.07 -6.63
C LYS A 397 -15.08 9.33 -7.92
N ASP A 398 -16.37 9.15 -8.23
CA ASP A 398 -16.79 8.42 -9.43
C ASP A 398 -16.21 7.00 -9.43
N GLY A 399 -16.13 6.41 -8.25
CA GLY A 399 -15.54 5.08 -8.11
C GLY A 399 -14.09 5.04 -8.57
N MET A 400 -13.35 6.11 -8.31
CA MET A 400 -11.96 6.24 -8.73
C MET A 400 -11.17 6.78 -7.53
N ARG A 401 -9.94 6.28 -7.37
CA ARG A 401 -9.08 6.70 -6.26
C ARG A 401 -8.15 7.79 -6.77
N LEU A 402 -8.65 9.02 -6.80
CA LEU A 402 -7.84 10.14 -7.26
C LEU A 402 -7.06 10.77 -6.10
N LYS A 403 -6.11 11.64 -6.46
CA LYS A 403 -5.29 12.35 -5.48
C LYS A 403 -5.36 13.84 -5.76
N GLY A 404 -5.53 14.63 -4.70
CA GLY A 404 -5.54 16.08 -4.81
C GLY A 404 -4.49 16.77 -3.95
N ALA A 440 -6.49 16.78 -10.49
CA ALA A 440 -6.32 15.52 -9.79
C ALA A 440 -5.85 14.42 -10.75
N VAL A 441 -5.21 13.38 -10.20
CA VAL A 441 -4.64 12.28 -10.99
C VAL A 441 -5.08 10.96 -10.39
N LEU A 442 -5.06 9.92 -11.21
CA LEU A 442 -5.45 8.58 -10.78
C LEU A 442 -4.32 7.89 -10.02
N ASP A 443 -4.70 7.07 -9.04
CA ASP A 443 -3.73 6.37 -8.21
C ASP A 443 -2.93 5.39 -9.05
N LYS A 444 -1.60 5.46 -8.94
CA LYS A 444 -0.70 4.54 -9.63
C LYS A 444 0.01 3.60 -8.66
N GLY A 445 -0.39 3.57 -7.39
CA GLY A 445 0.22 2.69 -6.44
C GLY A 445 1.57 3.20 -5.95
N SER A 446 2.38 2.26 -5.48
CA SER A 446 3.70 2.62 -4.98
C SER A 446 4.63 3.00 -6.12
N VAL A 447 5.42 4.06 -5.89
CA VAL A 447 6.42 4.45 -6.88
C VAL A 447 7.56 3.45 -6.92
N LEU A 448 7.75 2.65 -5.86
CA LEU A 448 8.82 1.66 -5.88
C LEU A 448 8.58 0.62 -6.96
N LYS A 449 7.36 0.10 -7.03
CA LYS A 449 7.04 -0.87 -8.08
C LYS A 449 7.16 -0.24 -9.46
N LEU A 450 6.72 1.01 -9.60
CA LEU A 450 6.84 1.69 -10.89
C LEU A 450 8.29 1.87 -11.31
N LEU A 451 9.16 2.25 -10.35
CA LEU A 451 10.57 2.37 -10.65
C LEU A 451 11.16 1.04 -11.09
N ALA A 452 10.77 -0.05 -10.41
CA ALA A 452 11.26 -1.36 -10.82
C ALA A 452 10.78 -1.71 -12.23
N TYR A 453 9.53 -1.37 -12.54
CA TYR A 453 8.99 -1.63 -13.86
C TYR A 453 9.77 -0.89 -14.93
N ILE A 454 10.06 0.39 -14.69
CA ILE A 454 10.83 1.17 -15.64
C ILE A 454 12.23 0.57 -15.78
N HIS A 455 12.84 0.18 -14.67
CA HIS A 455 14.16 -0.44 -14.72
C HIS A 455 14.14 -1.66 -15.64
N LYS A 456 13.19 -2.55 -15.43
CA LYS A 456 13.14 -3.77 -16.25
C LYS A 456 12.90 -3.43 -17.71
N GLY A 457 12.04 -2.45 -18.00
CA GLY A 457 11.82 -2.07 -19.38
C GLY A 457 13.07 -1.50 -20.04
N LEU A 458 13.81 -0.66 -19.31
CA LEU A 458 15.05 -0.12 -19.86
C LEU A 458 16.04 -1.24 -20.14
N GLN A 459 16.13 -2.21 -19.22
CA GLN A 459 17.03 -3.35 -19.46
C GLN A 459 16.61 -4.11 -20.71
N GLN A 460 15.31 -4.37 -20.87
CA GLN A 460 14.85 -5.14 -22.02
C GLN A 460 15.12 -4.41 -23.32
N SER A 461 14.89 -3.09 -23.32
CA SER A 461 15.17 -2.29 -24.51
C SER A 461 16.66 -2.32 -24.84
N ALA A 462 17.51 -2.15 -23.84
CA ALA A 462 18.95 -2.23 -24.08
C ALA A 462 19.33 -3.60 -24.65
N GLN A 463 18.69 -4.67 -24.17
CA GLN A 463 18.99 -5.99 -24.71
C GLN A 463 18.65 -6.05 -26.18
N ASP A 464 17.43 -5.64 -26.53
CA ASP A 464 17.04 -5.68 -27.94
C ASP A 464 17.99 -4.81 -28.78
N ILE A 465 18.42 -3.68 -28.24
CA ILE A 465 19.36 -2.83 -28.97
C ILE A 465 20.71 -3.52 -29.12
N GLY A 466 21.05 -4.41 -28.19
CA GLY A 466 22.24 -5.23 -28.30
C GLY A 466 23.45 -4.74 -27.54
N GLU A 467 23.27 -3.91 -26.53
CA GLU A 467 24.36 -3.41 -25.72
C GLU A 467 24.02 -3.59 -24.25
N VAL A 468 25.06 -3.85 -23.44
CA VAL A 468 24.85 -4.26 -22.05
C VAL A 468 24.88 -3.08 -21.09
N SER A 469 25.00 -1.85 -21.59
CA SER A 469 24.90 -0.69 -20.73
C SER A 469 24.43 0.49 -21.57
N PHE A 470 23.82 1.48 -20.89
CA PHE A 470 23.41 2.68 -21.58
C PHE A 470 24.56 3.62 -21.86
N ASP A 471 25.64 3.56 -21.06
CA ASP A 471 26.87 4.26 -21.45
C ASP A 471 27.36 3.74 -22.80
N ALA A 472 27.36 2.40 -22.95
CA ALA A 472 27.76 1.82 -24.22
C ALA A 472 26.82 2.23 -25.34
N ILE A 473 25.53 2.29 -25.06
CA ILE A 473 24.58 2.71 -26.09
C ILE A 473 24.88 4.14 -26.53
N ARG A 474 25.09 5.04 -25.58
CA ARG A 474 25.36 6.42 -25.96
C ARG A 474 26.65 6.52 -26.78
N GLU A 475 27.69 5.83 -26.33
CA GLU A 475 28.96 5.88 -27.05
C GLU A 475 28.79 5.36 -28.47
N LYS A 476 28.12 4.21 -28.61
CA LYS A 476 27.96 3.63 -29.94
C LYS A 476 27.02 4.44 -30.81
N VAL A 477 26.10 5.19 -30.19
CA VAL A 477 25.28 6.14 -30.95
C VAL A 477 26.18 7.23 -31.54
N TYR A 478 27.05 7.80 -30.71
CA TYR A 478 27.97 8.81 -31.23
C TYR A 478 28.91 8.20 -32.27
N GLU A 479 29.23 6.91 -32.14
CA GLU A 479 30.14 6.23 -33.06
C GLU A 479 29.45 5.76 -34.33
N GLY A 480 28.12 5.76 -34.39
CA GLY A 480 27.42 5.26 -35.55
C GLY A 480 27.24 3.77 -35.61
N GLN A 481 27.38 3.08 -34.47
CA GLN A 481 27.15 1.64 -34.40
C GLN A 481 25.77 1.28 -33.87
N VAL A 482 25.09 2.22 -33.25
CA VAL A 482 23.67 2.09 -32.90
C VAL A 482 22.91 2.98 -33.86
N LEU A 483 21.96 2.40 -34.59
CA LEU A 483 21.36 3.08 -35.73
C LEU A 483 19.86 3.23 -35.50
N PHE A 484 19.27 4.15 -36.27
CA PHE A 484 17.88 4.54 -36.12
C PHE A 484 17.18 4.49 -37.46
N ASN A 485 15.87 4.67 -37.41
CA ASN A 485 15.09 4.92 -38.60
C ASN A 485 14.07 6.01 -38.27
N ARG A 486 14.05 7.06 -39.07
CA ARG A 486 12.95 7.99 -39.03
C ARG A 486 11.68 7.26 -39.49
N ARG A 487 10.56 7.62 -38.90
CA ARG A 487 9.29 6.97 -39.18
C ARG A 487 8.37 7.95 -39.88
N SER A 488 7.90 7.57 -41.07
CA SER A 488 6.88 8.35 -41.73
C SER A 488 5.68 8.49 -40.81
N LEU A 489 4.89 9.53 -41.02
CA LEU A 489 3.70 9.72 -40.19
C LEU A 489 2.81 8.49 -40.25
N THR A 490 2.70 7.87 -41.43
CA THR A 490 1.87 6.68 -41.57
C THR A 490 2.47 5.51 -40.81
N ALA A 491 3.80 5.39 -40.79
CA ALA A 491 4.45 4.30 -40.09
C ALA A 491 4.24 4.39 -38.59
N GLN A 492 3.76 5.52 -38.08
CA GLN A 492 3.52 5.70 -36.66
C GLN A 492 2.15 5.19 -36.21
N SER A 493 1.56 4.25 -36.96
CA SER A 493 0.29 3.63 -36.57
C SER A 493 0.34 2.11 -36.72
N ASN B 3 -37.24 14.64 21.64
CA ASN B 3 -37.59 15.43 20.47
C ASN B 3 -38.57 14.71 19.56
N THR B 4 -39.48 13.94 20.16
CA THR B 4 -40.43 13.16 19.35
C THR B 4 -41.41 14.07 18.63
N ASN B 5 -41.81 15.17 19.25
CA ASN B 5 -42.73 16.08 18.59
C ASN B 5 -42.13 16.68 17.31
N LEU B 6 -40.82 16.90 17.29
CA LEU B 6 -40.19 17.50 16.11
C LEU B 6 -39.86 16.47 15.05
N ARG B 7 -39.59 15.23 15.45
CA ARG B 7 -39.19 14.19 14.50
C ARG B 7 -40.39 13.51 13.85
N THR B 8 -41.48 13.36 14.58
CA THR B 8 -42.63 12.63 14.07
C THR B 8 -43.33 13.43 12.99
N LYS B 9 -43.55 12.80 11.84
CA LYS B 9 -44.23 13.44 10.71
C LYS B 9 -45.72 13.26 10.87
N THR B 10 -46.46 14.37 10.90
CA THR B 10 -47.91 14.34 10.85
C THR B 10 -48.43 14.73 9.48
N LEU B 11 -47.88 15.79 8.89
CA LEU B 11 -48.26 16.16 7.52
C LEU B 11 -47.93 15.04 6.55
N ARG B 12 -46.77 14.41 6.71
CA ARG B 12 -46.34 13.29 5.86
C ARG B 12 -46.41 13.69 4.39
N ASP B 13 -45.63 14.70 4.04
CA ASP B 13 -45.54 15.20 2.67
C ASP B 13 -44.50 14.35 1.95
N GLY B 14 -44.96 13.29 1.32
CA GLY B 14 -44.09 12.36 0.63
C GLY B 14 -44.82 11.07 0.34
N THR B 15 -44.07 10.14 -0.26
CA THR B 15 -44.61 8.86 -0.70
C THR B 15 -44.01 7.72 0.11
N THR B 16 -44.86 6.83 0.62
CA THR B 16 -44.38 5.69 1.36
C THR B 16 -43.81 4.65 0.41
N ALA B 17 -42.98 3.77 0.96
CA ALA B 17 -42.39 2.72 0.14
C ALA B 17 -43.47 1.85 -0.50
N GLU B 18 -44.50 1.49 0.27
CA GLU B 18 -45.55 0.63 -0.26
C GLU B 18 -46.18 1.27 -1.50
N GLU B 19 -46.48 2.56 -1.43
CA GLU B 19 -47.00 3.24 -2.62
C GLU B 19 -45.93 3.30 -3.72
N LEU B 20 -44.68 3.59 -3.36
CA LEU B 20 -43.66 3.80 -4.37
C LEU B 20 -43.45 2.57 -5.24
N PHE B 21 -43.50 1.38 -4.63
CA PHE B 21 -43.17 0.14 -5.34
C PHE B 21 -44.40 -0.61 -5.84
N SER B 22 -45.55 0.05 -5.90
CA SER B 22 -46.82 -0.59 -6.22
C SER B 22 -47.22 -0.53 -7.69
N GLN B 23 -46.39 0.02 -8.57
CA GLN B 23 -46.83 0.18 -9.95
C GLN B 23 -45.95 -0.53 -10.98
N ASP B 24 -44.67 -0.26 -11.01
CA ASP B 24 -43.80 -0.86 -12.02
C ASP B 24 -42.43 -1.03 -11.42
N GLY B 25 -41.66 -1.97 -12.00
CA GLY B 25 -40.37 -2.30 -11.44
C GLY B 25 -39.42 -1.13 -11.49
N LEU B 26 -38.78 -0.84 -10.36
CA LEU B 26 -37.97 0.35 -10.22
C LEU B 26 -36.51 -0.03 -10.03
N SER B 27 -35.63 0.80 -10.59
CA SER B 27 -34.22 0.84 -10.26
C SER B 27 -33.99 1.90 -9.20
N PHE B 28 -32.77 1.94 -8.68
CA PHE B 28 -32.47 2.85 -7.59
C PHE B 28 -32.52 4.30 -8.02
N ASN B 29 -32.22 4.59 -9.27
CA ASN B 29 -32.27 5.97 -9.74
C ASN B 29 -33.68 6.51 -9.89
N ASP B 30 -34.70 5.64 -9.85
CA ASP B 30 -36.07 6.08 -10.03
C ASP B 30 -36.63 6.80 -8.82
N PHE B 31 -35.96 6.75 -7.68
CA PHE B 31 -36.53 7.35 -6.48
C PHE B 31 -35.43 7.97 -5.61
N ILE B 32 -35.86 8.89 -4.75
CA ILE B 32 -35.00 9.54 -3.78
C ILE B 32 -35.70 9.46 -2.43
N ILE B 33 -34.90 9.54 -1.36
CA ILE B 33 -35.40 9.47 0.01
C ILE B 33 -35.51 10.87 0.56
N LEU B 34 -36.64 11.19 1.16
CA LEU B 34 -36.84 12.54 1.66
C LEU B 34 -36.15 12.72 3.01
N PRO B 35 -35.67 13.91 3.33
CA PRO B 35 -35.02 14.14 4.61
C PRO B 35 -36.02 14.21 5.76
N GLY B 36 -35.50 13.96 6.95
CA GLY B 36 -36.30 14.07 8.16
C GLY B 36 -35.78 15.11 9.13
N PHE B 37 -35.60 14.74 10.39
CA PHE B 37 -35.20 15.65 11.46
C PHE B 37 -33.91 15.17 12.09
N ILE B 38 -32.99 16.09 12.38
CA ILE B 38 -31.65 15.79 12.84
C ILE B 38 -31.43 16.38 14.22
N ASP B 39 -31.04 15.51 15.17
CA ASP B 39 -30.62 15.97 16.48
C ASP B 39 -29.40 15.17 16.97
N PHE B 40 -28.54 14.79 16.04
CA PHE B 40 -27.37 14.00 16.39
C PHE B 40 -26.31 14.16 15.30
N ASP B 41 -25.08 13.86 15.66
CA ASP B 41 -23.98 13.89 14.71
C ASP B 41 -23.85 12.55 14.00
N SER B 42 -23.36 12.60 12.77
CA SER B 42 -23.36 11.40 11.92
C SER B 42 -22.52 10.28 12.51
N SER B 43 -21.53 10.60 13.34
CA SER B 43 -20.70 9.54 13.91
C SER B 43 -21.47 8.61 14.84
N LYS B 44 -22.64 9.04 15.31
CA LYS B 44 -23.42 8.24 16.24
C LYS B 44 -24.35 7.26 15.55
N VAL B 45 -24.30 7.17 14.21
CA VAL B 45 -25.24 6.36 13.46
C VAL B 45 -24.79 4.91 13.46
N ASN B 46 -25.73 4.01 13.75
CA ASN B 46 -25.50 2.56 13.71
C ASN B 46 -25.96 2.03 12.35
N VAL B 47 -25.05 1.38 11.63
CA VAL B 47 -25.37 0.91 10.28
C VAL B 47 -25.49 -0.61 10.24
N SER B 48 -25.42 -1.27 11.38
CA SER B 48 -25.33 -2.72 11.40
C SER B 48 -26.59 -3.33 10.80
N GLY B 49 -26.44 -4.54 10.29
CA GLY B 49 -27.55 -5.30 9.79
C GLY B 49 -27.29 -6.79 10.00
N GLN B 50 -28.37 -7.56 9.93
CA GLN B 50 -28.29 -9.00 10.11
C GLN B 50 -27.91 -9.67 8.79
N PHE B 51 -26.74 -10.30 8.75
CA PHE B 51 -26.43 -11.18 7.64
C PHE B 51 -27.34 -12.40 7.64
N THR B 52 -27.60 -12.95 8.82
CA THR B 52 -28.45 -14.11 8.98
C THR B 52 -29.20 -13.92 10.29
N LYS B 53 -30.07 -14.88 10.62
CA LYS B 53 -30.89 -14.75 11.81
C LYS B 53 -30.02 -14.49 13.05
N ASN B 54 -28.85 -15.12 13.12
CA ASN B 54 -28.05 -15.10 14.34
C ASN B 54 -26.75 -14.30 14.23
N ILE B 55 -26.37 -13.86 13.05
CA ILE B 55 -25.11 -13.14 12.86
C ILE B 55 -25.43 -11.68 12.55
N LEU B 56 -25.04 -10.79 13.47
CA LEU B 56 -25.13 -9.36 13.28
C LEU B 56 -23.77 -8.82 12.84
N LEU B 57 -23.76 -8.02 11.78
CA LEU B 57 -22.55 -7.42 11.25
C LEU B 57 -22.51 -5.94 11.61
N HIS B 58 -21.42 -5.51 12.23
CA HIS B 58 -21.25 -4.09 12.54
C HIS B 58 -21.29 -3.26 11.25
N LEU B 59 -20.73 -3.80 10.18
CA LEU B 59 -20.73 -3.17 8.87
C LEU B 59 -21.61 -3.98 7.95
N PRO B 60 -22.70 -3.44 7.40
CA PRO B 60 -23.65 -4.24 6.62
C PRO B 60 -23.15 -4.53 5.21
N LEU B 61 -21.93 -5.06 5.11
CA LEU B 61 -21.27 -5.24 3.82
C LEU B 61 -20.71 -6.65 3.72
N VAL B 62 -20.88 -7.26 2.55
CA VAL B 62 -20.47 -8.64 2.30
C VAL B 62 -19.78 -8.68 0.95
N SER B 63 -18.61 -9.31 0.91
CA SER B 63 -17.86 -9.40 -0.35
C SER B 63 -18.39 -10.58 -1.15
N SER B 64 -18.63 -10.35 -2.45
CA SER B 64 -19.30 -11.35 -3.27
C SER B 64 -18.40 -12.55 -3.53
N PRO B 65 -18.97 -13.75 -3.64
CA PRO B 65 -18.16 -14.95 -3.90
C PRO B 65 -17.82 -15.16 -5.38
N MET B 66 -17.19 -14.16 -5.98
CA MET B 66 -16.62 -14.28 -7.31
C MET B 66 -15.12 -14.56 -7.19
N ASP B 67 -14.59 -15.35 -8.13
CA ASP B 67 -13.17 -15.70 -8.08
C ASP B 67 -12.26 -14.48 -8.26
N THR B 68 -12.80 -13.37 -8.75
CA THR B 68 -12.02 -12.15 -8.93
C THR B 68 -12.15 -11.18 -7.76
N VAL B 69 -12.87 -11.55 -6.71
CA VAL B 69 -13.13 -10.59 -5.64
C VAL B 69 -12.70 -11.13 -4.29
N THR B 70 -13.22 -12.29 -3.91
CA THR B 70 -13.09 -12.76 -2.52
C THR B 70 -12.28 -14.04 -2.45
N GLU B 71 -11.11 -13.96 -1.83
CA GLU B 71 -10.34 -15.11 -1.36
C GLU B 71 -9.96 -14.78 0.08
N SER B 72 -9.04 -15.55 0.66
CA SER B 72 -8.77 -15.41 2.09
C SER B 72 -8.48 -13.97 2.48
N SER B 73 -7.67 -13.26 1.68
CA SER B 73 -7.25 -11.92 2.07
C SER B 73 -8.44 -10.97 2.14
N MET B 74 -9.31 -11.02 1.12
CA MET B 74 -10.49 -10.17 1.12
C MET B 74 -11.41 -10.48 2.28
N ALA B 75 -11.64 -11.77 2.55
CA ALA B 75 -12.50 -12.14 3.67
C ALA B 75 -11.92 -11.64 4.98
N ARG B 76 -10.60 -11.74 5.15
CA ARG B 76 -9.95 -11.22 6.35
C ARG B 76 -10.23 -9.73 6.49
N ALA B 77 -10.02 -8.97 5.41
CA ALA B 77 -10.25 -7.53 5.49
C ALA B 77 -11.69 -7.21 5.85
N MET B 78 -12.64 -7.88 5.19
CA MET B 78 -14.05 -7.60 5.46
C MET B 78 -14.37 -7.85 6.91
N ALA B 79 -13.98 -9.03 7.43
CA ALA B 79 -14.29 -9.36 8.82
C ALA B 79 -13.61 -8.39 9.77
N LEU B 80 -12.36 -7.98 9.46
CA LEU B 80 -11.66 -7.07 10.35
C LEU B 80 -12.39 -5.75 10.45
N MET B 81 -12.96 -5.29 9.35
CA MET B 81 -13.64 -4.00 9.39
C MET B 81 -15.08 -4.09 9.89
N GLY B 82 -15.55 -5.28 10.23
CA GLY B 82 -16.89 -5.46 10.76
C GLY B 82 -17.89 -6.06 9.80
N GLY B 83 -17.47 -6.41 8.61
CA GLY B 83 -18.28 -7.09 7.63
C GLY B 83 -17.95 -8.58 7.58
N ILE B 84 -18.03 -9.14 6.37
CA ILE B 84 -17.72 -10.55 6.18
C ILE B 84 -17.48 -10.78 4.71
N GLY B 85 -16.75 -11.85 4.38
CA GLY B 85 -16.49 -12.23 3.00
C GLY B 85 -16.97 -13.64 2.74
N VAL B 86 -17.31 -13.90 1.48
CA VAL B 86 -17.78 -15.22 1.06
C VAL B 86 -16.76 -15.74 0.07
N ILE B 87 -16.02 -16.77 0.48
CA ILE B 87 -14.99 -17.35 -0.39
C ILE B 87 -15.65 -18.06 -1.56
N HIS B 88 -15.20 -17.74 -2.77
CA HIS B 88 -15.81 -18.30 -3.95
C HIS B 88 -15.60 -19.80 -4.00
N ASN B 89 -16.39 -20.46 -4.85
CA ASN B 89 -16.33 -21.91 -5.02
C ASN B 89 -15.80 -22.32 -6.38
N ASN B 90 -15.19 -21.39 -7.12
CA ASN B 90 -14.52 -21.71 -8.38
C ASN B 90 -13.12 -22.24 -8.09
N CYS B 91 -13.10 -23.38 -7.42
CA CYS B 91 -11.87 -23.97 -6.90
C CYS B 91 -12.23 -25.34 -6.34
N THR B 92 -11.20 -26.12 -6.03
CA THR B 92 -11.43 -27.45 -5.50
C THR B 92 -11.88 -27.35 -4.04
N VAL B 93 -12.41 -28.46 -3.52
CA VAL B 93 -12.83 -28.48 -2.13
C VAL B 93 -11.65 -28.18 -1.22
N GLU B 94 -10.48 -28.75 -1.54
CA GLU B 94 -9.31 -28.59 -0.69
C GLU B 94 -8.81 -27.14 -0.68
N GLN B 95 -8.76 -26.50 -1.85
CA GLN B 95 -8.34 -25.10 -1.91
C GLN B 95 -9.31 -24.20 -1.14
N GLN B 96 -10.62 -24.41 -1.32
CA GLN B 96 -11.59 -23.58 -0.62
C GLN B 96 -11.48 -23.78 0.89
N ALA B 97 -11.31 -25.03 1.33
CA ALA B 97 -11.15 -25.27 2.76
C ALA B 97 -9.89 -24.60 3.29
N ARG B 98 -8.80 -24.63 2.51
CA ARG B 98 -7.56 -23.98 2.95
C ARG B 98 -7.76 -22.48 3.10
N MET B 99 -8.44 -21.85 2.13
CA MET B 99 -8.71 -20.42 2.23
C MET B 99 -9.55 -20.11 3.46
N VAL B 100 -10.57 -20.93 3.73
CA VAL B 100 -11.38 -20.72 4.92
C VAL B 100 -10.52 -20.82 6.17
N ARG B 101 -9.70 -21.87 6.25
CA ARG B 101 -8.83 -22.05 7.40
C ARG B 101 -7.91 -20.85 7.56
N SER B 102 -7.41 -20.32 6.45
CA SER B 102 -6.56 -19.13 6.51
C SER B 102 -7.29 -17.96 7.14
N VAL B 103 -8.57 -17.79 6.80
CA VAL B 103 -9.33 -16.71 7.41
C VAL B 103 -9.58 -16.99 8.89
N LYS B 104 -9.94 -18.22 9.23
CA LYS B 104 -10.40 -18.51 10.58
C LYS B 104 -9.25 -18.45 11.59
N LEU B 105 -8.06 -18.89 11.19
CA LEU B 105 -6.92 -18.99 12.09
C LEU B 105 -6.00 -17.77 12.04
N TYR B 106 -6.38 -16.73 11.29
CA TYR B 106 -5.57 -15.52 11.27
C TYR B 106 -5.58 -14.83 12.63
N ARG B 107 -6.75 -14.65 13.22
CA ARG B 107 -6.89 -14.03 14.53
C ARG B 107 -7.31 -15.08 15.54
N ASN B 108 -6.66 -15.05 16.71
CA ASN B 108 -6.89 -16.05 17.74
C ASN B 108 -6.78 -15.41 19.11
N GLY B 109 -7.22 -16.17 20.11
CA GLY B 109 -6.81 -15.93 21.48
C GLY B 109 -5.65 -16.89 21.71
N PHE B 110 -5.91 -18.02 22.37
CA PHE B 110 -4.94 -19.11 22.39
C PHE B 110 -4.85 -19.74 20.99
N ILE B 111 -3.67 -19.73 20.40
CA ILE B 111 -3.43 -20.41 19.14
C ILE B 111 -3.22 -21.89 19.43
N MET B 112 -4.12 -22.73 18.92
CA MET B 112 -4.17 -24.11 19.39
C MET B 112 -3.22 -25.03 18.64
N LYS B 113 -2.91 -24.74 17.38
CA LYS B 113 -2.01 -25.55 16.58
C LYS B 113 -0.94 -24.64 16.00
N PRO B 114 -0.08 -24.09 16.86
CA PRO B 114 0.93 -23.15 16.39
C PRO B 114 1.84 -23.80 15.35
N LYS B 115 2.09 -23.07 14.27
CA LYS B 115 3.02 -23.56 13.25
C LYS B 115 4.34 -23.89 13.91
N SER B 116 4.84 -25.09 13.65
CA SER B 116 6.05 -25.58 14.29
C SER B 116 6.91 -26.32 13.28
N VAL B 117 8.21 -26.31 13.55
CA VAL B 117 9.20 -26.98 12.71
C VAL B 117 10.17 -27.73 13.62
N SER B 118 10.89 -28.67 13.02
CA SER B 118 11.94 -29.38 13.74
C SER B 118 13.22 -28.55 13.78
N PRO B 119 14.14 -28.87 14.69
CA PRO B 119 15.35 -28.04 14.82
C PRO B 119 16.24 -28.01 13.59
N ASP B 120 16.15 -29.02 12.73
CA ASP B 120 17.05 -29.15 11.59
C ASP B 120 16.52 -28.47 10.33
N VAL B 121 15.38 -27.80 10.42
CA VAL B 121 14.79 -27.18 9.23
C VAL B 121 15.63 -25.98 8.81
N PRO B 122 15.84 -25.75 7.52
CA PRO B 122 16.63 -24.58 7.13
C PRO B 122 15.90 -23.27 7.41
N VAL B 123 16.70 -22.22 7.58
CA VAL B 123 16.16 -20.87 7.74
C VAL B 123 15.30 -20.49 6.56
N SER B 124 15.67 -20.96 5.36
CA SER B 124 14.90 -20.66 4.16
C SER B 124 13.43 -21.05 4.34
N THR B 125 13.17 -22.17 5.02
CA THR B 125 11.79 -22.61 5.19
C THR B 125 10.99 -21.62 6.04
N ILE B 126 11.61 -21.09 7.11
CA ILE B 126 10.91 -20.12 7.93
C ILE B 126 10.68 -18.84 7.14
N ARG B 127 11.67 -18.44 6.34
CA ARG B 127 11.46 -17.27 5.49
C ARG B 127 10.30 -17.49 4.54
N ASN B 128 10.20 -18.70 3.98
CA ASN B 128 9.09 -19.03 3.08
C ASN B 128 7.76 -18.97 3.81
N ILE B 129 7.73 -19.48 5.06
CA ILE B 129 6.52 -19.40 5.86
C ILE B 129 6.11 -17.94 6.03
N LYS B 130 7.05 -17.10 6.42
CA LYS B 130 6.72 -15.70 6.65
C LYS B 130 6.22 -15.04 5.37
N SER B 131 6.89 -15.31 4.25
CA SER B 131 6.52 -14.65 3.00
C SER B 131 5.15 -15.13 2.50
N GLU B 132 4.88 -16.43 2.60
CA GLU B 132 3.66 -16.98 2.02
C GLU B 132 2.48 -16.81 2.95
N LYS B 133 2.58 -17.33 4.18
CA LYS B 133 1.47 -17.33 5.12
C LYS B 133 1.52 -16.16 6.10
N GLY B 134 2.63 -15.43 6.17
CA GLY B 134 2.66 -14.20 6.92
C GLY B 134 2.70 -14.31 8.43
N ILE B 135 3.13 -15.46 8.97
CA ILE B 135 3.15 -15.66 10.42
C ILE B 135 4.60 -15.81 10.88
N SER B 136 4.94 -15.11 11.94
CA SER B 136 6.23 -15.20 12.61
C SER B 136 6.10 -16.02 13.90
N GLY B 137 7.14 -16.01 14.71
CA GLY B 137 7.11 -16.69 15.98
C GLY B 137 6.95 -18.19 15.80
N ILE B 138 7.71 -18.77 14.90
CA ILE B 138 7.57 -20.18 14.59
C ILE B 138 8.20 -20.98 15.73
N LEU B 139 7.47 -21.96 16.26
CA LEU B 139 7.96 -22.78 17.35
C LEU B 139 8.80 -23.93 16.79
N VAL B 140 9.93 -24.19 17.44
CA VAL B 140 10.78 -25.33 17.13
C VAL B 140 10.62 -26.32 18.26
N THR B 141 10.19 -27.54 17.93
CA THR B 141 9.82 -28.55 18.89
C THR B 141 10.36 -29.90 18.44
N GLU B 142 10.33 -30.85 19.35
CA GLU B 142 10.76 -32.21 19.04
C GLU B 142 9.89 -32.78 17.93
N GLY B 143 10.54 -33.20 16.84
CA GLY B 143 9.83 -33.80 15.73
C GLY B 143 8.95 -32.87 14.93
N GLY B 144 8.99 -31.57 15.22
CA GLY B 144 8.21 -30.61 14.47
C GLY B 144 6.73 -30.62 14.73
N LYS B 145 6.26 -31.45 15.65
CA LYS B 145 4.84 -31.50 15.98
C LYS B 145 4.45 -30.28 16.80
N TYR B 146 3.26 -29.73 16.52
CA TYR B 146 2.79 -28.56 17.24
C TYR B 146 2.51 -28.83 18.71
N ASP B 147 2.46 -30.08 19.14
CA ASP B 147 2.33 -30.42 20.55
C ASP B 147 3.58 -31.08 21.11
N GLY B 148 4.69 -31.02 20.39
CA GLY B 148 5.92 -31.62 20.83
C GLY B 148 6.61 -30.79 21.89
N LYS B 149 7.69 -31.34 22.43
CA LYS B 149 8.48 -30.65 23.42
C LYS B 149 9.08 -29.38 22.82
N LEU B 150 9.00 -28.28 23.56
CA LEU B 150 9.44 -26.99 23.06
C LEU B 150 10.95 -26.85 23.19
N LEU B 151 11.61 -26.65 22.05
CA LEU B 151 13.06 -26.45 22.01
C LEU B 151 13.44 -24.99 21.81
N GLY B 152 12.66 -24.25 21.02
CA GLY B 152 12.96 -22.83 20.84
C GLY B 152 11.92 -22.14 20.01
N ILE B 153 12.24 -20.89 19.64
CA ILE B 153 11.35 -20.07 18.84
C ILE B 153 12.18 -19.23 17.87
N VAL B 154 11.63 -19.00 16.69
CA VAL B 154 12.27 -18.21 15.65
C VAL B 154 11.39 -17.03 15.28
N CYS B 155 11.96 -15.83 15.34
CA CYS B 155 11.24 -14.60 15.00
C CYS B 155 12.00 -13.79 13.97
N THR B 156 11.52 -12.59 13.66
CA THR B 156 12.10 -11.79 12.59
C THR B 156 13.59 -11.56 12.83
N LYS B 157 13.94 -11.04 14.00
CA LYS B 157 15.30 -10.63 14.26
C LYS B 157 16.27 -11.79 14.45
N ASP B 158 15.77 -13.02 14.53
CA ASP B 158 16.67 -14.16 14.69
C ASP B 158 17.30 -14.59 13.36
N ILE B 159 16.73 -14.20 12.23
CA ILE B 159 17.20 -14.68 10.93
C ILE B 159 17.37 -13.56 9.91
N ASP B 160 17.08 -12.31 10.25
CA ASP B 160 17.13 -11.26 9.24
C ASP B 160 18.54 -10.96 8.75
N PHE B 161 19.58 -11.45 9.42
CA PHE B 161 20.95 -11.12 9.07
C PHE B 161 21.74 -12.27 8.48
N VAL B 162 21.20 -13.49 8.45
CA VAL B 162 21.98 -14.66 8.06
C VAL B 162 22.00 -14.79 6.54
N LYS B 163 23.22 -14.90 5.99
CA LYS B 163 23.38 -14.99 4.54
C LYS B 163 23.18 -16.41 4.03
N ASP B 164 23.42 -17.42 4.86
CA ASP B 164 23.29 -18.82 4.46
C ASP B 164 21.91 -19.32 4.85
N ALA B 165 20.98 -19.30 3.90
CA ALA B 165 19.61 -19.68 4.18
C ALA B 165 19.44 -21.16 4.44
N SER B 166 20.46 -21.98 4.16
CA SER B 166 20.38 -23.42 4.36
C SER B 166 20.74 -23.85 5.77
N ALA B 167 21.18 -22.93 6.62
CA ALA B 167 21.54 -23.28 7.98
C ALA B 167 20.32 -23.76 8.77
N PRO B 168 20.50 -24.68 9.69
CA PRO B 168 19.38 -25.12 10.53
C PRO B 168 18.94 -24.02 11.48
N VAL B 169 17.64 -24.03 11.82
CA VAL B 169 17.12 -23.02 12.73
C VAL B 169 17.74 -23.14 14.11
N SER B 170 18.18 -24.35 14.48
CA SER B 170 18.79 -24.54 15.80
C SER B 170 19.99 -23.62 16.00
N GLN B 171 20.64 -23.20 14.91
CA GLN B 171 21.81 -22.33 15.05
C GLN B 171 21.43 -20.93 15.54
N TYR B 172 20.26 -20.41 15.15
CA TYR B 172 19.93 -19.03 15.44
C TYR B 172 18.68 -18.82 16.30
N MET B 173 17.86 -19.85 16.48
CA MET B 173 16.65 -19.71 17.29
C MET B 173 16.99 -19.25 18.70
N THR B 174 16.01 -18.62 19.35
CA THR B 174 16.08 -18.39 20.78
C THR B 174 15.71 -19.70 21.47
N ARG B 175 16.61 -20.21 22.29
CA ARG B 175 16.50 -21.55 22.83
C ARG B 175 15.63 -21.59 24.08
N ARG B 176 15.05 -22.77 24.33
CA ARG B 176 14.01 -22.91 25.35
C ARG B 176 14.46 -22.40 26.72
N GLU B 177 15.71 -22.64 27.10
CA GLU B 177 16.14 -22.27 28.44
C GLU B 177 16.07 -20.78 28.70
N ASN B 178 16.03 -19.96 27.64
CA ASN B 178 16.00 -18.51 27.79
C ASN B 178 14.64 -17.91 27.49
N MET B 179 13.61 -18.73 27.28
CA MET B 179 12.32 -18.22 26.87
C MET B 179 11.42 -17.93 28.06
N THR B 180 10.71 -16.81 27.98
CA THR B 180 9.56 -16.59 28.84
C THR B 180 8.42 -17.49 28.38
N VAL B 181 7.89 -18.30 29.29
CA VAL B 181 6.81 -19.22 29.00
C VAL B 181 5.80 -19.20 30.14
N GLU B 182 4.70 -19.91 29.93
CA GLU B 182 3.66 -20.06 30.96
C GLU B 182 3.25 -21.52 30.98
N ARG B 183 2.70 -21.93 32.13
CA ARG B 183 2.33 -23.32 32.37
C ARG B 183 0.81 -23.47 32.30
N TYR B 184 0.36 -24.51 31.62
CA TYR B 184 -1.06 -24.82 31.59
C TYR B 184 -1.54 -25.20 32.98
N PRO B 185 -2.75 -24.77 33.38
CA PRO B 185 -3.72 -23.94 32.65
C PRO B 185 -3.57 -22.48 33.00
N ILE B 186 -4.02 -21.60 32.14
CA ILE B 186 -3.94 -20.16 32.39
C ILE B 186 -5.09 -19.47 31.66
N LYS B 187 -5.61 -18.43 32.28
CA LYS B 187 -6.65 -17.61 31.66
C LYS B 187 -6.05 -16.68 30.63
N LEU B 188 -6.78 -16.44 29.55
CA LEU B 188 -6.27 -15.66 28.44
C LEU B 188 -5.89 -14.25 28.88
N GLU B 189 -6.69 -13.62 29.73
CA GLU B 189 -6.38 -12.27 30.18
C GLU B 189 -5.02 -12.21 30.85
N GLU B 190 -4.77 -13.12 31.79
CA GLU B 190 -3.50 -13.12 32.50
C GLU B 190 -2.35 -13.42 31.53
N ALA B 191 -2.54 -14.39 30.63
CA ALA B 191 -1.48 -14.75 29.70
C ALA B 191 -1.10 -13.56 28.84
N MET B 192 -2.09 -12.83 28.34
CA MET B 192 -1.78 -11.69 27.47
C MET B 192 -1.17 -10.55 28.26
N ASP B 193 -1.57 -10.36 29.52
CA ASP B 193 -0.92 -9.33 30.33
C ASP B 193 0.54 -9.69 30.57
N VAL B 194 0.82 -10.97 30.84
CA VAL B 194 2.20 -11.40 31.02
C VAL B 194 2.99 -11.18 29.74
N LEU B 195 2.39 -11.53 28.60
CA LEU B 195 3.06 -11.30 27.32
C LEU B 195 3.39 -9.82 27.13
N ASN B 196 2.43 -8.93 27.38
CA ASN B 196 2.70 -7.51 27.25
C ASN B 196 3.82 -7.08 28.17
N ARG B 197 3.77 -7.49 29.44
CA ARG B 197 4.81 -7.09 30.38
C ARG B 197 6.17 -7.60 29.95
N SER B 198 6.21 -8.75 29.27
CA SER B 198 7.47 -9.37 28.88
C SER B 198 8.14 -8.68 27.71
N ARG B 199 7.43 -7.81 27.00
CA ARG B 199 7.96 -7.07 25.86
C ARG B 199 8.32 -7.97 24.69
N HIS B 200 7.90 -9.22 24.70
CA HIS B 200 8.15 -10.14 23.60
C HIS B 200 6.92 -10.27 22.72
N GLY B 201 7.12 -10.87 21.56
CA GLY B 201 6.04 -11.04 20.60
C GLY B 201 5.20 -12.29 20.76
N TYR B 202 5.66 -13.25 21.55
CA TYR B 202 4.98 -14.52 21.66
C TYR B 202 5.18 -15.09 23.05
N LEU B 203 4.23 -15.93 23.48
CA LEU B 203 4.26 -16.58 24.78
C LEU B 203 3.70 -17.99 24.64
N PRO B 204 4.56 -19.00 24.57
CA PRO B 204 4.05 -20.37 24.55
C PRO B 204 3.45 -20.74 25.89
N VAL B 205 2.50 -21.66 25.85
CA VAL B 205 1.88 -22.23 27.03
C VAL B 205 2.13 -23.72 26.96
N LEU B 206 2.78 -24.26 27.99
CA LEU B 206 3.26 -25.63 28.01
C LEU B 206 2.68 -26.37 29.21
N ASN B 207 2.71 -27.69 29.13
CA ASN B 207 2.27 -28.53 30.23
C ASN B 207 3.44 -28.77 31.17
N ASP B 208 3.27 -29.65 32.16
CA ASP B 208 4.34 -29.98 33.08
C ASP B 208 5.43 -30.81 32.43
N LYS B 209 5.17 -31.38 31.24
CA LYS B 209 6.19 -32.09 30.48
C LYS B 209 6.93 -31.18 29.51
N ASP B 210 6.73 -29.87 29.61
CA ASP B 210 7.32 -28.88 28.73
C ASP B 210 6.87 -29.03 27.28
N GLU B 211 5.83 -29.83 27.02
CA GLU B 211 5.26 -29.92 25.68
C GLU B 211 4.36 -28.72 25.40
N VAL B 212 4.21 -28.40 24.12
CA VAL B 212 3.48 -27.20 23.72
C VAL B 212 1.99 -27.47 23.81
N VAL B 213 1.29 -26.70 24.64
CA VAL B 213 -0.15 -26.74 24.70
C VAL B 213 -0.76 -25.75 23.71
N CYS B 214 -0.31 -24.50 23.76
CA CYS B 214 -0.84 -23.48 22.84
C CYS B 214 0.12 -22.28 22.84
N LEU B 215 -0.30 -21.20 22.18
CA LEU B 215 0.58 -20.07 21.94
C LEU B 215 -0.23 -18.77 21.96
N CYS B 216 0.30 -17.75 22.62
CA CYS B 216 -0.27 -16.42 22.59
C CYS B 216 0.63 -15.49 21.78
N SER B 217 0.01 -14.65 20.96
CA SER B 217 0.73 -13.75 20.06
C SER B 217 0.38 -12.30 20.36
N ARG B 218 1.41 -11.46 20.49
CA ARG B 218 1.18 -10.03 20.69
C ARG B 218 0.46 -9.41 19.50
N ARG B 219 0.68 -9.95 18.31
CA ARG B 219 0.03 -9.43 17.12
C ARG B 219 -1.49 -9.52 17.25
N ASP B 220 -1.98 -10.52 17.97
CA ASP B 220 -3.43 -10.62 18.19
C ASP B 220 -3.94 -9.45 19.02
N ALA B 221 -3.23 -9.09 20.08
CA ALA B 221 -3.64 -7.94 20.87
C ALA B 221 -3.59 -6.67 20.06
N VAL B 222 -2.54 -6.50 19.25
CA VAL B 222 -2.44 -5.29 18.44
C VAL B 222 -3.57 -5.23 17.41
N ARG B 223 -3.89 -6.36 16.78
CA ARG B 223 -5.00 -6.38 15.84
C ARG B 223 -6.31 -6.03 16.53
N ALA B 224 -6.53 -6.59 17.71
CA ALA B 224 -7.73 -6.23 18.47
C ALA B 224 -7.77 -4.73 18.72
N ARG B 225 -6.62 -4.12 18.99
CA ARG B 225 -6.58 -2.70 19.25
C ARG B 225 -6.89 -1.89 18.00
N ASP B 226 -6.29 -2.26 16.87
CA ASP B 226 -6.46 -1.51 15.63
C ASP B 226 -7.80 -1.76 14.95
N TYR B 227 -8.47 -2.88 15.24
CA TYR B 227 -9.72 -3.25 14.60
C TYR B 227 -10.71 -3.68 15.66
N PRO B 228 -11.21 -2.73 16.45
CA PRO B 228 -12.08 -3.10 17.58
C PRO B 228 -13.42 -3.66 17.18
N ASN B 229 -13.86 -3.46 15.93
CA ASN B 229 -15.19 -3.87 15.52
C ASN B 229 -15.19 -5.12 14.65
N SER B 230 -14.07 -5.83 14.56
CA SER B 230 -14.00 -7.02 13.74
C SER B 230 -15.14 -7.97 14.09
N SER B 231 -15.62 -8.67 13.07
CA SER B 231 -16.66 -9.68 13.24
C SER B 231 -16.03 -10.95 13.77
N LEU B 232 -16.40 -11.36 14.98
CA LEU B 232 -15.77 -12.47 15.67
C LEU B 232 -16.81 -13.49 16.14
N ASP B 233 -16.37 -14.74 16.21
CA ASP B 233 -17.19 -15.82 16.77
C ASP B 233 -16.90 -15.93 18.27
N ARG B 234 -17.39 -17.01 18.89
CA ARG B 234 -17.23 -17.14 20.34
C ARG B 234 -15.78 -17.28 20.74
N ASN B 235 -14.95 -17.90 19.89
CA ASN B 235 -13.57 -18.20 20.22
C ASN B 235 -12.59 -17.12 19.81
N GLY B 236 -13.07 -15.98 19.31
CA GLY B 236 -12.19 -14.90 18.93
C GLY B 236 -11.62 -15.00 17.53
N HIS B 237 -12.07 -15.96 16.73
CA HIS B 237 -11.70 -16.00 15.33
C HIS B 237 -12.60 -15.07 14.51
N LEU B 238 -12.10 -14.63 13.37
CA LEU B 238 -12.91 -13.86 12.46
C LEU B 238 -14.00 -14.75 11.86
N LEU B 239 -15.16 -14.14 11.61
CA LEU B 239 -16.22 -14.86 10.93
C LEU B 239 -15.84 -15.05 9.46
N CYS B 240 -16.25 -16.19 8.90
CA CYS B 240 -15.98 -16.49 7.51
C CYS B 240 -17.16 -17.23 6.90
N ALA B 241 -17.45 -16.92 5.63
CA ALA B 241 -18.52 -17.56 4.89
C ALA B 241 -17.95 -18.17 3.61
N ALA B 242 -18.66 -19.15 3.08
CA ALA B 242 -18.22 -19.82 1.86
C ALA B 242 -19.43 -20.14 1.01
N ALA B 243 -19.23 -20.15 -0.30
CA ALA B 243 -20.29 -20.42 -1.25
C ALA B 243 -20.22 -21.86 -1.74
N THR B 244 -21.38 -22.39 -2.13
CA THR B 244 -21.44 -23.71 -2.73
C THR B 244 -22.67 -23.82 -3.60
N SER B 245 -22.56 -24.64 -4.64
CA SER B 245 -23.72 -25.05 -5.41
C SER B 245 -24.53 -26.05 -4.60
N THR B 246 -25.68 -26.46 -5.15
CA THR B 246 -26.61 -27.34 -4.45
C THR B 246 -26.67 -28.72 -5.05
N ARG B 247 -25.65 -29.11 -5.82
CA ARG B 247 -25.60 -30.46 -6.36
C ARG B 247 -25.32 -31.46 -5.23
N GLU B 248 -25.56 -32.73 -5.54
CA GLU B 248 -25.29 -33.78 -4.56
C GLU B 248 -23.79 -33.86 -4.25
N ALA B 249 -22.95 -33.67 -5.27
CA ALA B 249 -21.51 -33.65 -5.05
C ALA B 249 -21.13 -32.61 -4.00
N ASP B 250 -21.74 -31.42 -4.09
CA ASP B 250 -21.35 -30.32 -3.22
C ASP B 250 -21.54 -30.66 -1.75
N LYS B 251 -22.30 -31.70 -1.44
CA LYS B 251 -22.42 -32.12 -0.04
C LYS B 251 -21.06 -32.33 0.56
N GLY B 252 -20.20 -33.06 -0.16
CA GLY B 252 -18.83 -33.21 0.32
C GLY B 252 -18.18 -31.88 0.59
N ARG B 253 -18.30 -30.96 -0.36
CA ARG B 253 -17.77 -29.61 -0.17
C ARG B 253 -18.25 -29.04 1.17
N VAL B 254 -19.56 -29.10 1.42
CA VAL B 254 -20.08 -28.54 2.65
C VAL B 254 -19.36 -29.15 3.84
N ALA B 255 -19.25 -30.48 3.85
CA ALA B 255 -18.58 -31.15 4.96
C ALA B 255 -17.20 -30.55 5.18
N ALA B 256 -16.41 -30.48 4.10
CA ALA B 256 -15.07 -29.92 4.23
C ALA B 256 -15.13 -28.52 4.83
N LEU B 257 -16.02 -27.68 4.30
CA LEU B 257 -16.12 -26.31 4.81
C LEU B 257 -16.48 -26.31 6.29
N SER B 258 -17.39 -27.19 6.70
CA SER B 258 -17.74 -27.24 8.11
C SER B 258 -16.50 -27.57 8.94
N GLU B 259 -15.67 -28.48 8.46
CA GLU B 259 -14.43 -28.79 9.18
C GLU B 259 -13.51 -27.58 9.20
N ALA B 260 -13.44 -26.85 8.09
CA ALA B 260 -12.60 -25.66 8.07
C ALA B 260 -13.14 -24.56 8.98
N GLY B 261 -14.39 -24.67 9.41
CA GLY B 261 -14.96 -23.76 10.37
C GLY B 261 -15.74 -22.58 9.83
N ILE B 262 -16.35 -22.69 8.64
CA ILE B 262 -17.17 -21.60 8.16
C ILE B 262 -18.31 -21.37 9.14
N ASP B 263 -18.73 -20.12 9.28
CA ASP B 263 -19.87 -19.77 10.11
C ASP B 263 -21.16 -19.65 9.31
N VAL B 264 -21.07 -19.45 8.00
CA VAL B 264 -22.25 -19.27 7.15
C VAL B 264 -21.98 -19.93 5.81
N LEU B 265 -22.94 -20.72 5.35
CA LEU B 265 -22.92 -21.29 4.01
C LEU B 265 -23.79 -20.45 3.09
N VAL B 266 -23.30 -20.18 1.90
CA VAL B 266 -23.99 -19.33 0.94
C VAL B 266 -24.23 -20.15 -0.32
N LEU B 267 -25.50 -20.34 -0.67
CA LEU B 267 -25.84 -21.16 -1.83
C LEU B 267 -25.70 -20.34 -3.11
N ASP B 268 -25.20 -20.98 -4.16
CA ASP B 268 -24.81 -20.31 -5.40
C ASP B 268 -25.73 -20.76 -6.52
N SER B 269 -26.61 -19.86 -6.95
CA SER B 269 -27.54 -20.16 -8.02
C SER B 269 -28.12 -18.85 -8.55
N SER B 270 -28.27 -18.77 -9.87
CA SER B 270 -28.97 -17.61 -10.43
C SER B 270 -30.45 -17.66 -10.11
N GLN B 271 -31.02 -18.85 -9.95
CA GLN B 271 -32.46 -19.04 -9.70
C GLN B 271 -32.56 -20.13 -8.64
N GLY B 272 -32.66 -19.71 -7.38
CA GLY B 272 -32.57 -20.64 -6.28
C GLY B 272 -33.84 -21.31 -5.87
N ASN B 273 -34.95 -21.03 -6.56
CA ASN B 273 -36.24 -21.66 -6.23
C ASN B 273 -36.35 -22.98 -6.98
N THR B 274 -35.57 -23.94 -6.51
CA THR B 274 -35.45 -25.23 -7.16
C THR B 274 -35.67 -26.32 -6.12
N ILE B 275 -36.10 -27.49 -6.59
CA ILE B 275 -36.23 -28.64 -5.69
C ILE B 275 -34.86 -29.02 -5.14
N TYR B 276 -33.81 -28.88 -5.96
CA TYR B 276 -32.46 -29.22 -5.51
C TYR B 276 -32.04 -28.33 -4.35
N GLN B 277 -32.29 -27.03 -4.45
CA GLN B 277 -31.87 -26.13 -3.38
C GLN B 277 -32.70 -26.36 -2.12
N VAL B 278 -33.99 -26.63 -2.28
CA VAL B 278 -34.83 -26.91 -1.10
C VAL B 278 -34.32 -28.15 -0.37
N SER B 279 -34.08 -29.23 -1.11
CA SER B 279 -33.54 -30.44 -0.50
C SER B 279 -32.18 -30.15 0.15
N PHE B 280 -31.34 -29.38 -0.53
CA PHE B 280 -30.02 -29.08 0.01
C PHE B 280 -30.12 -28.34 1.33
N ILE B 281 -31.00 -27.35 1.41
CA ILE B 281 -31.16 -26.62 2.66
C ILE B 281 -31.63 -27.54 3.77
N ARG B 282 -32.62 -28.40 3.46
CA ARG B 282 -33.09 -29.32 4.49
C ARG B 282 -31.96 -30.20 4.96
N TRP B 283 -31.15 -30.70 4.03
CA TRP B 283 -30.05 -31.58 4.41
C TRP B 283 -29.02 -30.85 5.26
N VAL B 284 -28.69 -29.60 4.90
CA VAL B 284 -27.70 -28.87 5.67
C VAL B 284 -28.20 -28.60 7.08
N LYS B 285 -29.43 -28.11 7.21
CA LYS B 285 -29.96 -27.80 8.53
C LYS B 285 -30.10 -29.07 9.36
N LYS B 286 -30.36 -30.21 8.72
CA LYS B 286 -30.43 -31.47 9.45
C LYS B 286 -29.05 -31.93 9.91
N THR B 287 -28.06 -31.88 9.01
CA THR B 287 -26.75 -32.46 9.26
C THR B 287 -25.82 -31.52 10.02
N TYR B 288 -25.89 -30.21 9.74
CA TYR B 288 -24.97 -29.24 10.32
C TYR B 288 -25.80 -28.13 10.96
N PRO B 289 -26.47 -28.43 12.07
CA PRO B 289 -27.39 -27.44 12.66
C PRO B 289 -26.71 -26.14 13.04
N HIS B 290 -25.43 -26.19 13.41
CA HIS B 290 -24.72 -24.96 13.76
C HIS B 290 -24.53 -24.04 12.56
N LEU B 291 -24.65 -24.57 11.34
CA LEU B 291 -24.42 -23.76 10.16
C LEU B 291 -25.69 -22.97 9.81
N GLU B 292 -25.51 -21.72 9.46
CA GLU B 292 -26.58 -20.89 8.92
C GLU B 292 -26.44 -20.82 7.42
N VAL B 293 -27.57 -20.82 6.72
CA VAL B 293 -27.60 -20.93 5.27
C VAL B 293 -28.21 -19.66 4.69
N VAL B 294 -27.53 -19.08 3.72
CA VAL B 294 -28.06 -17.99 2.92
C VAL B 294 -28.49 -18.61 1.59
N ALA B 295 -29.79 -18.60 1.32
CA ALA B 295 -30.35 -19.18 0.11
C ALA B 295 -30.56 -18.10 -0.94
N GLY B 296 -30.80 -18.54 -2.16
CA GLY B 296 -31.01 -17.65 -3.28
C GLY B 296 -30.27 -18.16 -4.51
N ASN B 297 -30.23 -17.32 -5.55
CA ASN B 297 -30.84 -15.99 -5.53
C ASN B 297 -32.33 -16.03 -5.87
N VAL B 298 -33.08 -15.08 -5.32
CA VAL B 298 -34.51 -14.95 -5.59
C VAL B 298 -34.83 -13.47 -5.81
N VAL B 299 -35.96 -13.22 -6.44
CA VAL B 299 -36.40 -11.86 -6.66
C VAL B 299 -37.88 -11.67 -6.35
N THR B 300 -38.60 -12.76 -6.08
CA THR B 300 -40.02 -12.67 -5.78
C THR B 300 -40.34 -13.36 -4.47
N GLN B 301 -41.49 -12.97 -3.91
CA GLN B 301 -41.92 -13.52 -2.62
C GLN B 301 -42.25 -15.02 -2.71
N ASP B 302 -42.72 -15.50 -3.87
CA ASP B 302 -43.03 -16.93 -3.98
C ASP B 302 -41.78 -17.78 -3.80
N GLN B 303 -40.69 -17.42 -4.49
CA GLN B 303 -39.41 -18.07 -4.27
C GLN B 303 -39.01 -17.99 -2.82
N ALA B 304 -39.11 -16.79 -2.23
CA ALA B 304 -38.71 -16.59 -0.85
C ALA B 304 -39.49 -17.50 0.08
N LYS B 305 -40.79 -17.64 -0.16
CA LYS B 305 -41.61 -18.52 0.67
C LYS B 305 -41.06 -19.94 0.62
N ASN B 306 -40.80 -20.46 -0.58
CA ASN B 306 -40.34 -21.84 -0.65
C ASN B 306 -39.01 -22.00 0.09
N LEU B 307 -38.08 -21.07 -0.10
CA LEU B 307 -36.76 -21.24 0.47
C LEU B 307 -36.78 -21.01 1.98
N ILE B 308 -37.63 -20.13 2.47
CA ILE B 308 -37.75 -19.95 3.91
C ILE B 308 -38.40 -21.17 4.54
N ASP B 309 -39.42 -21.73 3.89
CA ASP B 309 -40.02 -22.96 4.39
C ASP B 309 -38.98 -24.05 4.51
N ALA B 310 -38.06 -24.13 3.54
CA ALA B 310 -37.00 -25.13 3.61
C ALA B 310 -36.10 -24.97 4.82
N GLY B 311 -36.00 -23.76 5.37
CA GLY B 311 -35.19 -23.54 6.57
C GLY B 311 -34.06 -22.53 6.40
N ALA B 312 -34.14 -21.71 5.34
CA ALA B 312 -33.10 -20.73 5.09
C ALA B 312 -32.99 -19.75 6.23
N ASP B 313 -31.76 -19.35 6.55
CA ASP B 313 -31.48 -18.35 7.57
C ASP B 313 -31.32 -16.94 7.00
N SER B 314 -31.35 -16.80 5.68
CA SER B 314 -31.20 -15.49 5.02
C SER B 314 -31.40 -15.73 3.53
N LEU B 315 -31.67 -14.65 2.80
CA LEU B 315 -31.92 -14.75 1.38
C LEU B 315 -31.04 -13.80 0.58
N ARG B 316 -30.51 -14.30 -0.53
CA ARG B 316 -29.79 -13.49 -1.49
C ARG B 316 -30.79 -12.98 -2.53
N ILE B 317 -30.83 -11.66 -2.72
CA ILE B 317 -31.78 -11.02 -3.64
C ILE B 317 -31.03 -10.50 -4.85
N GLY B 318 -31.48 -10.88 -6.03
CA GLY B 318 -30.93 -10.34 -7.26
C GLY B 318 -31.01 -11.30 -8.43
N MET B 319 -31.47 -10.81 -9.57
CA MET B 319 -31.49 -11.58 -10.80
C MET B 319 -31.63 -10.58 -11.94
N GLY B 320 -30.57 -10.43 -12.74
CA GLY B 320 -30.56 -9.45 -13.81
C GLY B 320 -29.72 -8.24 -13.46
N VAL B 330 -32.48 -16.51 -19.79
CA VAL B 330 -31.22 -15.89 -19.44
C VAL B 330 -31.38 -14.36 -19.40
N LEU B 331 -31.94 -13.80 -20.47
CA LEU B 331 -32.21 -12.37 -20.54
C LEU B 331 -33.68 -12.01 -20.38
N ALA B 332 -34.59 -12.95 -20.62
CA ALA B 332 -36.00 -12.64 -20.56
C ALA B 332 -36.61 -12.87 -19.18
N CYS B 333 -35.82 -13.23 -18.18
CA CYS B 333 -36.32 -13.56 -16.86
C CYS B 333 -35.48 -12.87 -15.78
N GLY B 334 -36.15 -12.14 -14.90
CA GLY B 334 -35.47 -11.38 -13.87
C GLY B 334 -36.41 -10.36 -13.25
N ARG B 335 -35.82 -9.32 -12.63
CA ARG B 335 -36.63 -8.27 -12.02
C ARG B 335 -35.82 -7.05 -11.61
N PRO B 336 -36.32 -5.84 -11.83
CA PRO B 336 -35.60 -4.64 -11.36
C PRO B 336 -35.29 -4.72 -9.88
N GLN B 337 -34.07 -4.33 -9.54
CA GLN B 337 -33.49 -4.75 -8.26
C GLN B 337 -34.10 -4.01 -7.08
N ALA B 338 -34.47 -2.74 -7.24
CA ALA B 338 -35.04 -2.03 -6.09
C ALA B 338 -36.38 -2.63 -5.70
N THR B 339 -37.23 -2.90 -6.69
CA THR B 339 -38.50 -3.56 -6.42
C THR B 339 -38.26 -4.93 -5.81
N ALA B 340 -37.32 -5.69 -6.36
CA ALA B 340 -37.05 -7.03 -5.85
C ALA B 340 -36.66 -6.96 -4.39
N ILE B 341 -35.77 -6.04 -4.05
CA ILE B 341 -35.32 -5.92 -2.67
C ILE B 341 -36.50 -5.56 -1.78
N TYR B 342 -37.29 -4.57 -2.18
CA TYR B 342 -38.39 -4.15 -1.32
C TYR B 342 -39.34 -5.32 -1.07
N LYS B 343 -39.78 -5.98 -2.14
CA LYS B 343 -40.80 -7.01 -2.00
C LYS B 343 -40.28 -8.20 -1.18
N VAL B 344 -39.12 -8.73 -1.59
CA VAL B 344 -38.62 -9.91 -0.91
C VAL B 344 -38.26 -9.60 0.53
N ALA B 345 -37.60 -8.45 0.76
CA ALA B 345 -37.23 -8.10 2.12
C ALA B 345 -38.45 -7.92 3.02
N ARG B 346 -39.51 -7.30 2.51
CA ARG B 346 -40.71 -7.14 3.34
C ARG B 346 -41.30 -8.49 3.74
N TYR B 347 -41.48 -9.39 2.77
CA TYR B 347 -42.02 -10.71 3.11
C TYR B 347 -41.11 -11.44 4.09
N ALA B 348 -39.82 -11.53 3.77
CA ALA B 348 -38.88 -12.26 4.62
C ALA B 348 -38.85 -11.68 6.04
N ALA B 349 -38.84 -10.35 6.16
CA ALA B 349 -38.86 -9.74 7.48
C ALA B 349 -40.12 -10.12 8.23
N SER B 350 -41.26 -10.14 7.53
CA SER B 350 -42.50 -10.57 8.20
C SER B 350 -42.34 -11.98 8.73
N ARG B 351 -41.48 -12.78 8.11
CA ARG B 351 -41.22 -14.13 8.63
C ARG B 351 -39.93 -14.21 9.45
N GLY B 352 -39.34 -13.08 9.80
CA GLY B 352 -38.18 -13.08 10.68
C GLY B 352 -36.85 -13.36 10.02
N VAL B 353 -36.75 -13.21 8.70
CA VAL B 353 -35.57 -13.60 7.95
C VAL B 353 -34.96 -12.37 7.31
N PRO B 354 -33.65 -12.12 7.48
CA PRO B 354 -33.03 -10.96 6.84
C PRO B 354 -32.62 -11.28 5.42
N CYS B 355 -32.27 -10.21 4.67
CA CYS B 355 -31.97 -10.34 3.26
C CYS B 355 -30.71 -9.59 2.86
N VAL B 356 -30.08 -10.09 1.82
CA VAL B 356 -28.82 -9.57 1.29
C VAL B 356 -29.07 -9.03 -0.11
N ALA B 357 -28.74 -7.77 -0.34
CA ALA B 357 -28.91 -7.18 -1.66
C ALA B 357 -27.71 -7.52 -2.53
N ASP B 358 -27.94 -8.27 -3.60
CA ASP B 358 -26.89 -8.80 -4.45
C ASP B 358 -27.12 -8.35 -5.89
N GLY B 359 -26.51 -7.24 -6.25
CA GLY B 359 -26.52 -6.77 -7.63
C GLY B 359 -26.89 -5.32 -7.79
N GLY B 360 -26.28 -4.64 -8.76
CA GLY B 360 -26.64 -3.29 -9.09
C GLY B 360 -26.22 -2.24 -8.10
N LEU B 361 -25.40 -2.59 -7.13
CA LEU B 361 -24.93 -1.63 -6.13
C LEU B 361 -23.62 -1.05 -6.62
N ARG B 362 -23.66 0.18 -7.13
CA ARG B 362 -22.53 0.79 -7.80
C ARG B 362 -21.97 2.02 -7.11
N ASN B 363 -22.62 2.51 -6.05
CA ASN B 363 -22.13 3.66 -5.30
C ASN B 363 -22.78 3.65 -3.94
N VAL B 364 -22.37 4.60 -3.09
CA VAL B 364 -22.87 4.62 -1.72
C VAL B 364 -24.35 4.92 -1.69
N GLY B 365 -24.83 5.77 -2.60
CA GLY B 365 -26.25 6.07 -2.63
C GLY B 365 -27.08 4.84 -2.92
N ASP B 366 -26.64 4.02 -3.87
CA ASP B 366 -27.36 2.79 -4.18
C ASP B 366 -27.38 1.85 -2.97
N VAL B 367 -26.25 1.74 -2.28
CA VAL B 367 -26.21 0.87 -1.10
C VAL B 367 -27.14 1.39 -0.03
N CYS B 368 -27.12 2.71 0.20
CA CYS B 368 -27.99 3.28 1.20
C CYS B 368 -29.45 3.02 0.86
N LYS B 369 -29.83 3.22 -0.40
CA LYS B 369 -31.21 2.99 -0.80
C LYS B 369 -31.58 1.52 -0.63
N ALA B 370 -30.68 0.62 -1.00
CA ALA B 370 -30.97 -0.81 -0.90
C ALA B 370 -31.19 -1.21 0.55
N LEU B 371 -30.35 -0.70 1.46
CA LEU B 371 -30.54 -1.00 2.86
C LEU B 371 -31.82 -0.35 3.39
N ALA B 372 -32.13 0.86 2.93
CA ALA B 372 -33.25 1.59 3.50
C ALA B 372 -34.58 0.94 3.13
N VAL B 373 -34.68 0.38 1.91
CA VAL B 373 -35.94 -0.18 1.46
C VAL B 373 -36.11 -1.62 1.89
N GLY B 374 -35.19 -2.17 2.68
CA GLY B 374 -35.45 -3.43 3.35
C GLY B 374 -34.29 -4.38 3.49
N ALA B 375 -33.27 -4.22 2.67
CA ALA B 375 -32.11 -5.09 2.79
C ALA B 375 -31.40 -4.86 4.13
N ASN B 376 -30.99 -5.95 4.77
CA ASN B 376 -30.22 -5.83 6.02
C ASN B 376 -28.75 -5.58 5.75
N VAL B 377 -28.18 -6.27 4.75
CA VAL B 377 -26.81 -6.07 4.34
C VAL B 377 -26.75 -6.04 2.83
N ALA B 378 -25.62 -5.53 2.32
CA ALA B 378 -25.41 -5.35 0.90
C ALA B 378 -24.19 -6.14 0.48
N MET B 379 -24.25 -6.75 -0.69
CA MET B 379 -23.13 -7.50 -1.25
C MET B 379 -22.37 -6.61 -2.22
N LEU B 380 -21.05 -6.60 -2.09
CA LEU B 380 -20.19 -5.75 -2.88
C LEU B 380 -19.41 -6.62 -3.86
N GLY B 381 -19.59 -6.33 -5.15
CA GLY B 381 -18.85 -6.98 -6.21
C GLY B 381 -17.96 -5.97 -6.93
N SER B 382 -18.49 -5.44 -8.02
CA SER B 382 -17.76 -4.46 -8.81
C SER B 382 -17.21 -3.33 -7.94
N MET B 383 -17.96 -2.92 -6.93
CA MET B 383 -17.55 -1.75 -6.14
C MET B 383 -16.21 -1.97 -5.45
N ILE B 384 -15.85 -3.22 -5.16
CA ILE B 384 -14.59 -3.52 -4.47
C ILE B 384 -13.62 -4.26 -5.36
N ALA B 385 -13.97 -4.50 -6.62
CA ALA B 385 -13.03 -5.13 -7.55
C ALA B 385 -11.90 -4.16 -7.86
N GLY B 386 -10.67 -4.68 -7.88
CA GLY B 386 -9.51 -3.86 -8.10
C GLY B 386 -8.83 -3.36 -6.84
N THR B 387 -9.41 -3.60 -5.67
CA THR B 387 -8.72 -3.27 -4.43
C THR B 387 -7.56 -4.24 -4.21
N SER B 388 -6.60 -3.82 -3.39
CA SER B 388 -5.38 -4.59 -3.21
C SER B 388 -5.67 -6.00 -2.74
N GLU B 389 -6.74 -6.20 -1.97
CA GLU B 389 -7.00 -7.48 -1.35
C GLU B 389 -7.70 -8.47 -2.27
N THR B 390 -8.06 -8.08 -3.49
CA THR B 390 -8.69 -9.02 -4.40
C THR B 390 -7.65 -10.00 -4.95
N PRO B 391 -8.10 -11.18 -5.37
CA PRO B 391 -7.16 -12.10 -6.05
C PRO B 391 -6.66 -11.51 -7.35
N GLY B 392 -5.50 -11.98 -7.78
CA GLY B 392 -4.90 -11.57 -9.03
C GLY B 392 -3.64 -10.75 -8.81
N GLU B 393 -2.86 -10.63 -9.87
CA GLU B 393 -1.59 -9.89 -9.84
C GLU B 393 -1.77 -8.53 -10.50
N TYR B 394 -1.09 -7.53 -9.97
CA TYR B 394 -1.09 -6.20 -10.57
C TYR B 394 -0.15 -6.14 -11.77
N PHE B 395 -0.48 -5.25 -12.71
CA PHE B 395 0.39 -5.00 -13.85
C PHE B 395 0.19 -3.58 -14.35
N PHE B 396 1.24 -3.01 -14.94
CA PHE B 396 1.21 -1.66 -15.48
C PHE B 396 0.89 -1.70 -16.96
N LYS B 397 -0.05 -0.85 -17.38
CA LYS B 397 -0.44 -0.76 -18.78
C LYS B 397 -0.98 0.65 -19.00
N ASP B 398 -0.40 1.37 -19.95
CA ASP B 398 -0.78 2.76 -20.23
C ASP B 398 -0.70 3.62 -18.96
N GLY B 399 0.27 3.33 -18.09
CA GLY B 399 0.43 4.08 -16.87
C GLY B 399 -0.80 4.05 -15.97
N MET B 400 -1.38 2.86 -15.75
CA MET B 400 -2.63 2.80 -15.01
C MET B 400 -2.67 1.84 -13.84
N ARG B 401 -1.87 0.79 -13.86
CA ARG B 401 -1.84 -0.21 -12.78
C ARG B 401 -3.21 -0.89 -12.63
N LEU B 402 -3.51 -1.73 -13.62
CA LEU B 402 -4.70 -2.57 -13.60
C LEU B 402 -4.38 -3.93 -12.96
N LYS B 403 -5.42 -4.71 -12.69
CA LYS B 403 -5.25 -6.04 -12.10
C LYS B 403 -5.93 -7.11 -12.93
N GLY B 404 -5.25 -8.24 -13.10
CA GLY B 404 -5.81 -9.41 -13.77
C GLY B 404 -5.78 -10.64 -12.89
N ALA B 440 -8.67 -6.75 -15.23
CA ALA B 440 -9.16 -5.73 -16.16
C ALA B 440 -9.87 -4.61 -15.40
N VAL B 441 -9.38 -4.28 -14.21
CA VAL B 441 -9.98 -3.25 -13.38
C VAL B 441 -8.89 -2.30 -12.90
N LEU B 442 -9.32 -1.08 -12.56
CA LEU B 442 -8.40 -0.06 -12.07
C LEU B 442 -8.13 -0.26 -10.58
N ASP B 443 -6.92 0.09 -10.16
CA ASP B 443 -6.53 -0.04 -8.76
C ASP B 443 -7.36 0.90 -7.90
N LYS B 444 -7.97 0.35 -6.84
CA LYS B 444 -8.74 1.14 -5.89
C LYS B 444 -8.06 1.24 -4.52
N GLY B 445 -6.82 0.77 -4.42
CA GLY B 445 -6.13 0.83 -3.14
C GLY B 445 -6.61 -0.24 -2.18
N SER B 446 -6.42 0.03 -0.89
CA SER B 446 -6.83 -0.91 0.14
C SER B 446 -8.35 -0.93 0.24
N VAL B 447 -8.90 -2.13 0.41
CA VAL B 447 -10.34 -2.26 0.63
C VAL B 447 -10.73 -1.71 1.99
N LEU B 448 -9.79 -1.62 2.93
CA LEU B 448 -10.11 -1.09 4.26
C LEU B 448 -10.49 0.39 4.19
N LYS B 449 -9.73 1.19 3.47
CA LYS B 449 -10.06 2.60 3.34
C LYS B 449 -11.39 2.77 2.61
N LEU B 450 -11.64 1.93 1.61
CA LEU B 450 -12.91 2.01 0.89
C LEU B 450 -14.09 1.63 1.79
N LEU B 451 -13.93 0.59 2.62
CA LEU B 451 -14.98 0.22 3.55
C LEU B 451 -15.24 1.34 4.54
N ALA B 452 -14.19 1.98 5.03
CA ALA B 452 -14.41 3.11 5.94
C ALA B 452 -15.14 4.24 5.22
N TYR B 453 -14.81 4.48 3.96
CA TYR B 453 -15.49 5.50 3.17
C TYR B 453 -16.97 5.19 3.04
N ILE B 454 -17.29 3.93 2.72
CA ILE B 454 -18.69 3.51 2.61
C ILE B 454 -19.40 3.67 3.94
N HIS B 455 -18.73 3.29 5.04
CA HIS B 455 -19.29 3.46 6.36
C HIS B 455 -19.68 4.90 6.62
N LYS B 456 -18.75 5.83 6.37
CA LYS B 456 -19.04 7.24 6.62
C LYS B 456 -20.17 7.73 5.74
N GLY B 457 -20.20 7.29 4.48
CA GLY B 457 -21.27 7.70 3.59
C GLY B 457 -22.64 7.23 4.08
N LEU B 458 -22.71 5.98 4.54
CA LEU B 458 -23.96 5.47 5.08
C LEU B 458 -24.37 6.27 6.31
N GLN B 459 -23.41 6.60 7.17
CA GLN B 459 -23.73 7.40 8.35
C GLN B 459 -24.30 8.75 7.95
N GLN B 460 -23.68 9.41 6.97
CA GLN B 460 -24.14 10.73 6.55
C GLN B 460 -25.53 10.64 5.93
N SER B 461 -25.79 9.60 5.13
CA SER B 461 -27.10 9.42 4.54
C SER B 461 -28.15 9.25 5.63
N ALA B 462 -27.87 8.39 6.61
CA ALA B 462 -28.81 8.18 7.71
C ALA B 462 -29.07 9.48 8.46
N GLN B 463 -28.04 10.28 8.67
CA GLN B 463 -28.23 11.56 9.34
C GLN B 463 -29.19 12.44 8.55
N ASP B 464 -28.96 12.57 7.24
CA ASP B 464 -29.87 13.37 6.43
C ASP B 464 -31.29 12.85 6.51
N ILE B 465 -31.46 11.51 6.53
CA ILE B 465 -32.79 10.93 6.65
C ILE B 465 -33.39 11.20 8.03
N GLY B 466 -32.56 11.35 9.04
CA GLY B 466 -33.03 11.72 10.36
C GLY B 466 -33.18 10.59 11.35
N GLU B 467 -32.54 9.45 11.14
CA GLU B 467 -32.60 8.33 12.06
C GLU B 467 -31.20 7.83 12.36
N VAL B 468 -31.01 7.35 13.61
CA VAL B 468 -29.68 7.07 14.10
C VAL B 468 -29.25 5.62 13.88
N SER B 469 -30.07 4.81 13.21
CA SER B 469 -29.66 3.47 12.85
C SER B 469 -30.43 3.06 11.62
N PHE B 470 -29.87 2.11 10.88
CA PHE B 470 -30.58 1.60 9.71
C PHE B 470 -31.69 0.63 10.08
N ASP B 471 -31.60 -0.01 11.25
CA ASP B 471 -32.76 -0.76 11.75
C ASP B 471 -33.95 0.17 11.94
N ALA B 472 -33.70 1.33 12.55
CA ALA B 472 -34.75 2.33 12.71
C ALA B 472 -35.23 2.84 11.36
N ILE B 473 -34.31 3.02 10.41
CA ILE B 473 -34.72 3.49 9.09
C ILE B 473 -35.67 2.48 8.45
N ARG B 474 -35.32 1.20 8.49
CA ARG B 474 -36.17 0.19 7.86
C ARG B 474 -37.53 0.14 8.56
N GLU B 475 -37.54 0.18 9.89
CA GLU B 475 -38.80 0.13 10.61
C GLU B 475 -39.68 1.32 10.23
N LYS B 476 -39.10 2.52 10.23
CA LYS B 476 -39.88 3.71 9.92
C LYS B 476 -40.31 3.73 8.45
N VAL B 477 -39.54 3.07 7.58
CA VAL B 477 -39.97 2.89 6.21
C VAL B 477 -41.25 2.05 6.17
N TYR B 478 -41.25 0.93 6.89
CA TYR B 478 -42.45 0.10 6.94
C TYR B 478 -43.62 0.82 7.61
N GLU B 479 -43.32 1.73 8.55
CA GLU B 479 -44.35 2.45 9.27
C GLU B 479 -44.84 3.69 8.53
N GLY B 480 -44.16 4.12 7.47
CA GLY B 480 -44.57 5.31 6.77
C GLY B 480 -44.08 6.61 7.36
N GLN B 481 -43.05 6.58 8.19
CA GLN B 481 -42.44 7.80 8.72
C GLN B 481 -41.17 8.21 7.96
N VAL B 482 -40.59 7.31 7.19
CA VAL B 482 -39.53 7.63 6.25
C VAL B 482 -40.14 7.56 4.86
N LEU B 483 -40.07 8.66 4.12
CA LEU B 483 -40.84 8.83 2.89
C LEU B 483 -39.91 9.06 1.72
N PHE B 484 -40.46 8.86 0.53
CA PHE B 484 -39.71 8.88 -0.70
C PHE B 484 -40.38 9.81 -1.71
N ASN B 485 -39.70 10.01 -2.83
CA ASN B 485 -40.30 10.65 -4.00
C ASN B 485 -39.81 9.90 -5.23
N ARG B 486 -40.74 9.43 -6.05
CA ARG B 486 -40.36 8.98 -7.38
C ARG B 486 -39.90 10.17 -8.20
N ARG B 487 -38.93 9.94 -9.07
CA ARG B 487 -38.35 11.00 -9.87
C ARG B 487 -38.66 10.76 -11.34
N SER B 488 -39.26 11.76 -11.99
CA SER B 488 -39.41 11.70 -13.44
C SER B 488 -38.06 11.49 -14.10
N LEU B 489 -38.07 10.94 -15.30
CA LEU B 489 -36.80 10.69 -16.00
C LEU B 489 -35.99 11.97 -16.14
N THR B 490 -36.66 13.10 -16.39
CA THR B 490 -35.92 14.35 -16.50
C THR B 490 -35.36 14.79 -15.14
N ALA B 491 -36.08 14.54 -14.06
CA ALA B 491 -35.60 14.93 -12.74
C ALA B 491 -34.33 14.16 -12.36
N GLN B 492 -34.00 13.10 -13.09
CA GLN B 492 -32.81 12.30 -12.81
C GLN B 492 -31.55 12.85 -13.48
N SER B 493 -31.52 14.15 -13.76
CA SER B 493 -30.34 14.80 -14.34
C SER B 493 -29.96 16.05 -13.58
PB GDP C . 13.67 18.70 14.11
O1B GDP C . 14.63 19.85 14.03
O2B GDP C . 12.55 18.89 13.09
O3B GDP C . 13.10 18.62 15.51
O3A GDP C . 14.50 17.28 13.77
PA GDP C . 14.30 15.86 14.64
O1A GDP C . 14.03 16.20 16.09
O2A GDP C . 13.11 15.10 14.07
O5' GDP C . 15.66 14.93 14.52
C5' GDP C . 15.55 13.55 14.38
C4' GDP C . 16.84 12.94 14.77
O4' GDP C . 16.64 11.31 15.05
C3' GDP C . 17.71 13.07 13.81
O3' GDP C . 18.98 13.58 14.40
C2' GDP C . 17.94 11.64 13.21
O2' GDP C . 19.18 11.48 12.81
C1' GDP C . 17.62 10.71 14.44
N9 GDP C . 17.18 9.38 14.10
C8 GDP C . 17.14 8.80 12.92
N7 GDP C . 16.68 7.57 13.06
C5 GDP C . 16.43 7.34 14.35
C6 GDP C . 15.91 6.16 15.12
O6 GDP C . 15.63 5.17 14.55
N1 GDP C . 15.77 6.24 16.55
C2 GDP C . 16.11 7.47 17.23
N2 GDP C . 15.98 7.58 18.68
N3 GDP C . 16.61 8.60 16.48
C4 GDP C . 16.75 8.50 15.01
H5' GDP C . 15.32 13.30 13.36
H5'' GDP C . 14.76 13.18 15.03
H4' GDP C . 17.24 13.42 15.65
H3' GDP C . 17.33 13.71 13.03
HO3' GDP C . 18.97 14.52 14.43
H2' GDP C . 17.29 11.44 12.37
HO2' GDP C . 19.37 10.55 12.75
H1' GDP C . 18.54 10.63 15.03
H8 GDP C . 17.43 9.28 11.99
HN1 GDP C . 15.42 5.45 17.07
HN21 GDP C . 16.21 8.44 19.14
HN22 GDP C . 15.62 6.79 19.22
PG ATP D . 9.65 -3.61 16.22
PG ATP D . 10.24 -1.11 16.96
O1G ATP D . 8.85 -4.15 17.39
O1G ATP D . 9.27 -2.08 17.19
O2G ATP D . 9.05 -2.26 15.77
O2G ATP D . 10.16 -0.40 15.56
O3G ATP D . 9.59 -4.64 15.03
O3G ATP D . 10.28 0.13 18.01
PB ATP D . 11.66 -2.77 18.16
PB ATP D . 12.06 -3.13 17.74
O1B ATP D . 11.77 -1.19 18.07
O1B ATP D . 11.15 -4.22 17.03
O2B ATP D . 10.60 -3.15 19.19
O2B ATP D . 13.50 -3.53 17.64
O3B ATP D . 11.21 -3.37 16.68
O3B ATP D . 11.82 -1.67 17.02
PA ATP D . 13.47 -4.31 19.94
PA ATP D . 10.22 -3.69 19.98
O1A ATP D . 14.28 -5.52 19.51
O1A ATP D . 9.13 -2.65 20.17
O2A ATP D . 14.29 -3.50 20.88
O2A ATP D . 9.72 -4.77 19.08
O3A ATP D . 13.13 -3.39 18.60
O3A ATP D . 11.59 -3.01 19.35
O5' ATP D . 12.08 -4.87 20.66
O5' ATP D . 10.62 -4.33 21.46
C5' ATP D . 11.50 -4.30 21.85
C5' ATP D . 11.98 -4.24 21.82
C4' ATP D . 12.33 -4.50 23.13
C4' ATP D . 12.26 -4.59 23.31
O4' ATP D . 13.55 -4.62 22.88
O4' ATP D . 13.49 -4.73 23.53
C3' ATP D . 12.27 -3.29 24.15
C3' ATP D . 11.85 -3.27 24.07
O3' ATP D . 11.14 -3.39 24.94
O3' ATP D . 11.56 -3.57 25.39
C2' ATP D . 13.49 -3.48 24.96
C2' ATP D . 13.10 -2.45 23.97
O2' ATP D . 13.15 -4.35 26.22
O2' ATP D . 13.10 -1.39 25.11
C1' ATP D . 14.35 -4.10 24.18
C1' ATP D . 14.03 -3.36 24.17
N9 ATP D . 15.40 -3.20 23.80
N9 ATP D . 15.31 -3.06 23.59
C8 ATP D . 15.28 -2.17 22.97
C8 ATP D . 15.57 -2.54 22.41
N7 ATP D . 16.46 -1.55 22.85
N7 ATP D . 16.90 -2.40 22.26
C5 ATP D . 17.36 -2.20 23.62
C5 ATP D . 17.50 -2.86 23.38
C6 ATP D . 18.73 -2.01 23.90
C6 ATP D . 18.84 -2.99 23.81
N6 ATP D . 19.46 -0.92 23.28
N6 ATP D . 19.95 -2.56 22.97
N1 ATP D . 19.33 -2.84 24.74
N1 ATP D . 19.08 -3.49 25.02
C2 ATP D . 18.67 -3.85 25.31
C2 ATP D . 18.09 -3.89 25.82
N3 ATP D . 17.39 -4.06 25.08
N3 ATP D . 16.83 -3.80 25.45
C4 ATP D . 16.70 -3.25 24.24
C4 ATP D . 16.50 -3.28 24.24
H5'1 ATP D . 10.58 -4.72 21.99
H5'1 ATP D . 12.29 -3.28 21.66
H5'2 ATP D . 11.39 -3.29 21.69
H5'2 ATP D . 12.52 -4.89 21.24
H4' ATP D . 11.94 -5.40 23.62
H4' ATP D . 11.76 -5.50 23.65
H3' ATP D . 12.27 -2.30 23.62
H3' ATP D . 10.98 -2.75 23.62
HO3' ATP D . 11.24 -4.08 25.55
HO3' ATP D . 10.65 -3.75 25.47
H2' ATP D . 13.92 -2.49 25.26
H2' ATP D . 13.23 -1.95 22.99
HO2' ATP D . 13.90 -4.40 26.78
HO2' ATP D . 13.97 -1.23 25.37
H1' ATP D . 14.72 -4.97 24.68
H1' ATP D . 14.13 -3.43 25.23
H8 ATP D . 14.35 -1.88 22.47
H8 ATP D . 14.83 -2.27 21.67
HN61 ATP D . 20.18 -0.58 23.69
HN61 ATP D . 20.75 -2.95 23.07
HN62 ATP D . 19.17 -0.57 22.43
HN62 ATP D . 19.80 -1.87 22.30
H2 ATP D . 19.21 -4.52 26.02
H2 ATP D . 18.34 -4.31 26.83
P PO4 E . 6.11 15.65 -17.87
O1 PO4 E . 6.96 16.64 -18.65
O2 PO4 E . 6.48 15.70 -16.41
O3 PO4 E . 6.35 14.26 -18.40
O4 PO4 E . 4.65 16.02 -18.03
PB GDP F . -1.51 -25.46 5.78
O1B GDP F . -0.17 -26.15 5.65
O2B GDP F . -1.47 -24.11 5.09
O3B GDP F . -2.58 -26.32 5.10
O3A GDP F . -1.91 -25.27 7.39
PA GDP F . -0.78 -24.86 8.57
O1A GDP F . 0.33 -24.02 7.98
O2A GDP F . -0.16 -26.11 9.18
O5' GDP F . -1.50 -23.97 9.75
C5' GDP F . -0.84 -22.87 10.30
C4' GDP F . -1.10 -22.85 11.77
O4' GDP F . -0.35 -21.49 12.40
C3' GDP F . -2.37 -22.73 12.01
O3' GDP F . -2.84 -23.96 12.70
C2' GDP F . -2.55 -21.50 12.96
O2' GDP F . -3.30 -21.81 14.01
C1' GDP F . -1.08 -21.15 13.43
N9 GDP F . -0.81 -19.76 13.71
C8 GDP F . -1.60 -18.72 13.56
N7 GDP F . -0.95 -17.62 13.96
C5 GDP F . 0.25 -17.97 14.39
C6 GDP F . 1.43 -17.22 14.95
O6 GDP F . 1.38 -16.05 15.08
N1 GDP F . 2.63 -17.93 15.33
C2 GDP F . 2.70 -19.35 15.15
N2 GDP F . 3.91 -20.08 15.52
N3 GDP F . 1.57 -20.09 14.60
C4 GDP F . 0.34 -19.35 14.23
H5' GDP F . -1.22 -21.96 9.85
H5'' GDP F . 0.22 -22.96 10.12
H4' GDP F . -0.74 -23.75 12.25
H3' GDP F . -2.90 -22.54 11.10
HO3' GDP F . -3.66 -24.24 12.33
H2' GDP F . -3.01 -20.66 12.44
HO2' GDP F . -3.07 -22.67 14.30
H1' GDP F . -0.92 -21.72 14.34
H8 GDP F . -2.60 -18.74 13.16
HN1 GDP F . 3.41 -17.43 15.71
HN21 GDP F . 3.95 -21.06 15.39
HN22 GDP F . 4.70 -19.58 15.90
PG ATP G . 8.76 -7.62 15.00
PG ATP G . 7.98 -11.03 14.53
O1G ATP G . 9.93 -7.03 15.75
O1G ATP G . 8.81 -12.05 13.79
O2G ATP G . 8.90 -7.34 13.50
O2G ATP G . 8.37 -9.61 14.08
O3G ATP G . 7.43 -6.97 15.53
O3G ATP G . 6.45 -11.26 14.25
PB ATP G . 8.62 -9.95 16.74
PB ATP G . 8.64 -9.93 17.11
O1B ATP G . 7.33 -9.44 17.49
O1B ATP G . 8.76 -8.58 16.29
O2B ATP G . 8.53 -11.45 16.57
O2B ATP G . 7.61 -9.78 18.20
O3B ATP G . 8.72 -9.24 15.25
O3B ATP G . 8.23 -11.19 16.13
PA ATP G . 10.34 -10.40 19.08
PA ATP G . 11.57 -9.93 17.09
O1A ATP G . 9.28 -10.15 20.13
O1A ATP G . 11.73 -10.67 15.78
O2A ATP G . 10.41 -11.86 18.79
O2A ATP G . 11.68 -8.45 16.88
O3A ATP G . 9.96 -9.59 17.67
O3A ATP G . 10.12 -10.28 17.79
O5' ATP G . 11.79 -9.85 19.66
O5' ATP G . 12.74 -10.42 18.15
C5' ATP G . 13.08 -10.30 19.23
C5' ATP G . 12.31 -11.05 19.34
C4' ATP G . 13.60 -11.55 19.99
C4' ATP G . 13.47 -11.69 20.14
O4' ATP G . 12.72 -11.85 20.84
O4' ATP G . 13.07 -12.18 21.21
C3' ATP G . 13.84 -12.85 19.12
C3' ATP G . 13.90 -12.89 19.21
O3' ATP G . 15.14 -13.29 19.30
O3' ATP G . 15.20 -13.25 19.46
C2' ATP G . 12.88 -13.85 19.68
C2' ATP G . 12.93 -13.96 19.67
O2' ATP G . 13.47 -15.29 19.59
O2' ATP G . 13.51 -15.36 19.33
C1' ATP G . 12.75 -13.46 20.94
C1' ATP G . 12.89 -13.77 20.97
N9 ATP G . 11.57 -13.95 21.58
N9 ATP G . 11.66 -14.19 21.61
C8 ATP G . 10.34 -14.00 21.10
C8 ATP G . 10.46 -14.33 21.08
N7 ATP G . 9.52 -14.54 22.00
N7 ATP G . 9.59 -14.74 22.00
C5 ATP G . 10.26 -14.84 23.10
C5 ATP G . 10.26 -14.86 23.17
C6 ATP G . 9.95 -15.41 24.37
C6 ATP G . 9.89 -15.25 24.50
N6 ATP G . 8.61 -15.82 24.70
N6 ATP G . 8.54 -15.65 24.81
N1 ATP G . 10.94 -15.56 25.24
N1 ATP G . 10.83 -15.26 25.43
C2 ATP G . 12.19 -15.19 24.96
C2 ATP G . 12.10 -14.91 25.18
N3 ATP G . 12.50 -14.65 23.80
N3 ATP G . 12.47 -14.55 23.97
C4 ATP G . 11.56 -14.46 22.84
C4 ATP G . 11.57 -14.51 22.94
H5'1 ATP G . 13.75 -9.55 19.36
H5'1 ATP G . 11.64 -11.78 19.10
H5'2 ATP G . 13.01 -10.53 18.24
H5'2 ATP G . 11.85 -10.35 19.94
H4' ATP G . 14.58 -11.32 20.42
H4' ATP G . 14.27 -10.99 20.40
H3' ATP G . 13.62 -12.65 18.04
H3' ATP G . 13.79 -12.67 18.13
HO3' ATP G . 15.74 -12.75 18.83
HO3' ATP G . 15.31 -14.17 19.33
H2' ATP G . 11.89 -13.85 19.15
H2' ATP G . 11.92 -13.83 19.21
HO2' ATP G . 13.02 -15.85 20.18
HO2' ATP G . 13.20 -15.63 18.50
H1' ATP G . 13.57 -13.81 21.50
H1' ATP G . 13.69 -14.34 21.36
H8 ATP G . 10.04 -13.66 20.10
H8 ATP G . 10.22 -14.14 20.04
HN61 ATP G . 7.95 -15.71 24.11
HN61 ATP G . 7.98 -15.05 25.20
HN62 ATP G . 8.41 -16.23 25.57
HN62 ATP G . 8.22 -16.54 24.60
H2 ATP G . 12.98 -15.33 25.74
H2 ATP G . 12.84 -14.93 26.01
P PO4 H . -22.20 -6.04 -8.74
O1 PO4 H . -21.12 -5.14 -8.18
O2 PO4 H . -22.54 -5.62 -10.15
O3 PO4 H . -23.43 -5.93 -7.86
O4 PO4 H . -21.70 -7.48 -8.74
#